data_2JZW
#
_entry.id   2JZW
#
loop_
_entity.id
_entity.type
_entity.pdbx_description
1 polymer 'HIV-1 nucleocapsid protein NCp7(12-55)'
2 polymer "DNA (5'-D(*DGP*DTP*DCP*DCP*DCP*DTP*DGP*DTP*DTP*DCP*DGP*DGP*DGP*DC)-3')"
3 non-polymer 'ZINC ION'
#
loop_
_entity_poly.entity_id
_entity_poly.type
_entity_poly.pdbx_seq_one_letter_code
_entity_poly.pdbx_strand_id
1 'polypeptide(L)' NVKCFNCGKEGHTARNCRAPRKKGCWKCGKEGHQMKDCTERQAN A
2 'polydeoxyribonucleotide' (DG)(DT)(DC)(DC)(DC)(DT)(DG)(DT)(DT)(DC)(DG)(DG)(DG)(DC) B
#
# COMPACT_ATOMS: atom_id res chain seq x y z
N ASN A 1 9.18 -1.17 13.02
CA ASN A 1 8.72 0.03 12.30
C ASN A 1 8.00 -0.34 11.00
N VAL A 2 7.49 0.68 10.30
CA VAL A 2 6.68 0.53 9.10
C VAL A 2 6.72 1.83 8.30
N LYS A 3 6.26 1.80 7.05
CA LYS A 3 6.10 2.95 6.17
C LYS A 3 4.69 2.90 5.61
N CYS A 4 3.94 3.99 5.75
CA CYS A 4 2.57 4.08 5.29
C CYS A 4 2.46 3.91 3.78
N PHE A 5 1.44 3.15 3.36
CA PHE A 5 1.18 2.84 1.96
C PHE A 5 0.40 3.97 1.28
N ASN A 6 -0.46 4.63 2.05
CA ASN A 6 -1.28 5.76 1.67
C ASN A 6 -0.47 7.07 1.52
N CYS A 7 0.73 7.19 2.14
CA CYS A 7 1.47 8.45 2.11
C CYS A 7 3.00 8.30 2.23
N GLY A 8 3.52 7.26 2.88
CA GLY A 8 4.95 7.02 3.03
C GLY A 8 5.41 7.09 4.48
N LYS A 9 4.95 8.11 5.22
CA LYS A 9 5.38 8.37 6.59
C LYS A 9 5.22 7.16 7.51
N GLU A 10 6.17 7.01 8.44
CA GLU A 10 6.15 5.96 9.43
C GLU A 10 5.15 6.27 10.54
N GLY A 11 5.30 5.57 11.65
CA GLY A 11 4.51 5.76 12.86
C GLY A 11 3.11 5.13 12.77
N HIS A 12 2.50 5.13 11.57
CA HIS A 12 1.18 4.61 11.29
C HIS A 12 1.20 3.78 10.00
N THR A 13 0.05 3.16 9.68
CA THR A 13 -0.18 2.42 8.44
C THR A 13 -1.35 3.06 7.71
N ALA A 14 -1.60 2.63 6.46
CA ALA A 14 -2.62 3.23 5.59
C ALA A 14 -3.97 3.37 6.30
N ARG A 15 -4.46 2.28 6.91
CA ARG A 15 -5.68 2.27 7.71
C ARG A 15 -5.77 3.44 8.70
N ASN A 16 -4.65 3.84 9.30
CA ASN A 16 -4.53 4.92 10.29
C ASN A 16 -4.31 6.27 9.62
N CYS A 17 -3.75 6.27 8.41
CA CYS A 17 -3.48 7.47 7.64
C CYS A 17 -4.77 8.17 7.20
N ARG A 18 -5.01 9.38 7.71
CA ARG A 18 -6.13 10.21 7.32
C ARG A 18 -5.74 10.99 6.06
N ALA A 19 -5.57 10.29 4.94
CA ALA A 19 -5.22 10.86 3.65
C ALA A 19 -5.98 10.15 2.53
N PRO A 20 -6.13 10.76 1.34
CA PRO A 20 -6.82 10.14 0.20
C PRO A 20 -6.04 8.90 -0.27
N ARG A 21 -6.68 7.73 -0.17
CA ARG A 21 -6.09 6.44 -0.52
C ARG A 21 -6.49 6.01 -1.93
N LYS A 22 -5.80 4.97 -2.45
CA LYS A 22 -5.92 4.46 -3.79
C LYS A 22 -7.00 3.37 -3.83
N LYS A 23 -7.39 2.93 -5.03
CA LYS A 23 -8.37 1.88 -5.22
C LYS A 23 -7.66 0.52 -5.25
N GLY A 24 -6.64 0.39 -6.11
CA GLY A 24 -5.93 -0.86 -6.34
C GLY A 24 -4.64 -0.99 -5.53
N CYS A 25 -3.97 -2.14 -5.73
CA CYS A 25 -2.67 -2.57 -5.23
C CYS A 25 -1.71 -1.38 -5.14
N TRP A 26 -1.32 -0.99 -3.91
CA TRP A 26 -0.48 0.17 -3.69
C TRP A 26 0.86 0.07 -4.42
N LYS A 27 1.47 -1.10 -4.44
CA LYS A 27 2.81 -1.27 -5.00
C LYS A 27 2.75 -1.26 -6.54
N CYS A 28 2.20 -2.32 -7.13
CA CYS A 28 2.18 -2.52 -8.57
C CYS A 28 1.22 -1.58 -9.31
N GLY A 29 0.02 -1.32 -8.75
CA GLY A 29 -0.98 -0.44 -9.37
C GLY A 29 -2.33 -1.13 -9.63
N LYS A 30 -2.32 -2.36 -10.17
CA LYS A 30 -3.51 -3.18 -10.48
C LYS A 30 -4.46 -3.23 -9.28
N GLU A 31 -5.74 -3.56 -9.47
CA GLU A 31 -6.77 -3.48 -8.40
C GLU A 31 -7.44 -4.73 -7.97
N GLY A 32 -7.61 -5.51 -9.01
CA GLY A 32 -8.11 -6.87 -9.03
C GLY A 32 -7.57 -7.73 -7.86
N HIS A 33 -6.50 -7.29 -7.20
CA HIS A 33 -5.89 -7.87 -6.01
C HIS A 33 -5.23 -6.75 -5.19
N GLN A 34 -4.76 -7.04 -3.97
CA GLN A 34 -4.16 -6.03 -3.07
C GLN A 34 -2.63 -6.18 -2.97
N MET A 35 -1.94 -5.22 -2.33
CA MET A 35 -0.49 -5.25 -2.21
C MET A 35 -0.01 -6.52 -1.49
N LYS A 36 -0.65 -6.89 -0.38
CA LYS A 36 -0.39 -8.13 0.33
C LYS A 36 -0.50 -9.33 -0.62
N ASP A 37 -1.61 -9.38 -1.37
CA ASP A 37 -1.94 -10.44 -2.31
C ASP A 37 -0.87 -10.57 -3.41
N CYS A 38 -0.45 -9.43 -3.95
CA CYS A 38 0.46 -9.31 -5.07
C CYS A 38 1.86 -9.86 -4.79
N THR A 39 2.35 -10.56 -5.80
CA THR A 39 3.68 -11.14 -5.88
C THR A 39 4.20 -11.00 -7.32
N GLU A 40 3.80 -9.91 -8.00
CA GLU A 40 4.24 -9.56 -9.34
C GLU A 40 5.75 -9.30 -9.35
N ARG A 41 6.16 -8.07 -9.09
CA ARG A 41 7.55 -7.63 -9.07
C ARG A 41 7.84 -6.88 -7.77
N GLN A 42 7.65 -7.54 -6.63
CA GLN A 42 7.96 -7.01 -5.32
C GLN A 42 9.44 -7.25 -5.00
N ALA A 43 10.32 -6.56 -5.75
CA ALA A 43 11.75 -6.59 -5.52
C ALA A 43 12.09 -5.76 -4.29
N ASN A 44 11.75 -4.46 -4.35
CA ASN A 44 11.95 -3.49 -3.28
C ASN A 44 10.95 -2.35 -3.47
N ASN A 1 8.08 -2.88 12.64
CA ASN A 1 7.57 -1.54 12.26
C ASN A 1 7.18 -1.48 10.79
N VAL A 2 6.41 -0.46 10.40
CA VAL A 2 5.84 -0.29 9.07
C VAL A 2 6.16 1.08 8.47
N LYS A 3 5.96 1.18 7.15
CA LYS A 3 6.05 2.38 6.35
C LYS A 3 4.68 2.50 5.68
N CYS A 4 3.95 3.59 5.97
CA CYS A 4 2.62 3.78 5.44
C CYS A 4 2.61 3.67 3.91
N PHE A 5 1.57 3.04 3.36
CA PHE A 5 1.38 2.86 1.93
C PHE A 5 0.63 4.07 1.37
N ASN A 6 -0.32 4.57 2.16
CA ASN A 6 -1.15 5.73 1.91
C ASN A 6 -0.35 7.06 1.88
N CYS A 7 0.91 7.09 2.33
CA CYS A 7 1.75 8.29 2.24
C CYS A 7 3.26 8.01 2.22
N GLY A 8 3.74 6.96 2.93
CA GLY A 8 5.15 6.64 3.05
C GLY A 8 5.60 6.66 4.51
N LYS A 9 5.28 7.75 5.22
CA LYS A 9 5.72 7.98 6.59
C LYS A 9 5.37 6.84 7.53
N GLU A 10 6.31 6.49 8.40
CA GLU A 10 6.23 5.36 9.31
C GLU A 10 5.38 5.72 10.52
N GLY A 11 5.50 4.88 11.55
CA GLY A 11 4.77 5.01 12.81
C GLY A 11 3.25 4.81 12.69
N HIS A 12 2.72 4.47 11.49
CA HIS A 12 1.29 4.27 11.28
C HIS A 12 1.05 3.48 10.00
N THR A 13 -0.05 2.71 9.96
CA THR A 13 -0.49 1.97 8.77
C THR A 13 -1.46 2.83 7.97
N ALA A 14 -1.82 2.36 6.76
CA ALA A 14 -2.66 3.11 5.83
C ALA A 14 -4.01 3.55 6.44
N ARG A 15 -4.63 2.72 7.29
CA ARG A 15 -5.87 3.08 7.99
C ARG A 15 -5.67 4.22 9.00
N ASN A 16 -4.50 4.24 9.65
CA ASN A 16 -4.16 5.17 10.72
C ASN A 16 -3.68 6.50 10.16
N CYS A 17 -3.16 6.49 8.93
CA CYS A 17 -2.76 7.68 8.19
C CYS A 17 -3.96 8.62 8.04
N ARG A 18 -3.71 9.93 7.92
CA ARG A 18 -4.74 10.93 7.75
C ARG A 18 -4.78 11.36 6.28
N ALA A 19 -5.13 10.42 5.38
CA ALA A 19 -5.13 10.63 3.94
C ALA A 19 -6.07 9.62 3.26
N PRO A 20 -6.44 9.81 1.99
CA PRO A 20 -7.31 8.90 1.27
C PRO A 20 -6.46 7.89 0.50
N ARG A 21 -6.81 6.60 0.62
CA ARG A 21 -6.09 5.52 -0.04
C ARG A 21 -6.66 5.24 -1.44
N LYS A 22 -6.04 4.32 -2.18
CA LYS A 22 -6.36 4.02 -3.56
C LYS A 22 -7.43 2.92 -3.67
N LYS A 23 -7.62 2.38 -4.88
CA LYS A 23 -8.54 1.29 -5.15
C LYS A 23 -7.77 -0.04 -5.12
N GLY A 24 -6.87 -0.24 -6.09
CA GLY A 24 -6.11 -1.46 -6.28
C GLY A 24 -4.71 -1.33 -5.67
N CYS A 25 -3.83 -2.28 -6.06
CA CYS A 25 -2.46 -2.45 -5.58
C CYS A 25 -1.72 -1.13 -5.36
N TRP A 26 -1.32 -0.82 -4.13
CA TRP A 26 -0.54 0.38 -3.83
C TRP A 26 0.81 0.37 -4.55
N LYS A 27 1.51 -0.77 -4.56
CA LYS A 27 2.86 -0.84 -5.12
C LYS A 27 2.81 -0.87 -6.65
N CYS A 28 2.37 -1.99 -7.20
CA CYS A 28 2.33 -2.25 -8.63
C CYS A 28 1.28 -1.37 -9.32
N GLY A 29 0.05 -1.27 -8.77
CA GLY A 29 -0.95 -0.36 -9.32
C GLY A 29 -2.23 -1.04 -9.82
N LYS A 30 -2.13 -2.30 -10.24
CA LYS A 30 -3.24 -3.02 -10.84
C LYS A 30 -4.25 -3.43 -9.77
N GLU A 31 -5.50 -3.55 -10.20
CA GLU A 31 -6.62 -3.81 -9.30
C GLU A 31 -7.04 -5.27 -9.38
N GLY A 32 -8.13 -5.58 -8.66
CA GLY A 32 -8.62 -6.94 -8.50
C GLY A 32 -7.90 -7.58 -7.32
N HIS A 33 -6.60 -7.27 -7.19
CA HIS A 33 -5.72 -7.66 -6.11
C HIS A 33 -5.23 -6.44 -5.33
N GLN A 34 -4.74 -6.67 -4.12
CA GLN A 34 -4.12 -5.65 -3.26
C GLN A 34 -2.59 -5.83 -3.26
N MET A 35 -1.86 -4.94 -2.59
CA MET A 35 -0.40 -5.01 -2.54
C MET A 35 0.05 -6.33 -1.90
N LYS A 36 -0.54 -6.67 -0.75
CA LYS A 36 -0.31 -7.94 -0.06
C LYS A 36 -0.45 -9.13 -1.01
N ASP A 37 -1.56 -9.16 -1.74
CA ASP A 37 -1.93 -10.16 -2.73
C ASP A 37 -0.88 -10.27 -3.86
N CYS A 38 -0.64 -9.14 -4.52
CA CYS A 38 0.20 -8.96 -5.70
C CYS A 38 1.47 -9.78 -5.72
N THR A 39 2.46 -9.24 -5.02
CA THR A 39 3.83 -9.70 -4.91
C THR A 39 4.58 -9.66 -6.23
N GLU A 40 4.24 -8.67 -7.06
CA GLU A 40 4.91 -8.38 -8.32
C GLU A 40 6.27 -7.73 -8.03
N ARG A 41 6.29 -6.40 -7.85
CA ARG A 41 7.49 -5.61 -7.60
C ARG A 41 7.72 -5.52 -6.08
N GLN A 42 7.76 -6.67 -5.40
CA GLN A 42 7.84 -6.75 -3.95
C GLN A 42 8.71 -7.93 -3.52
N ALA A 43 9.23 -7.86 -2.29
CA ALA A 43 9.97 -8.94 -1.65
C ALA A 43 8.93 -9.73 -0.85
N ASN A 44 7.95 -10.28 -1.58
CA ASN A 44 6.78 -10.97 -1.06
C ASN A 44 5.89 -9.98 -0.29
N ASN A 1 9.16 -2.15 12.78
CA ASN A 1 8.57 -0.90 12.27
C ASN A 1 7.94 -1.09 10.88
N VAL A 2 7.19 -0.09 10.42
CA VAL A 2 6.43 -0.13 9.17
C VAL A 2 6.62 1.16 8.38
N LYS A 3 6.37 1.10 7.07
CA LYS A 3 6.36 2.24 6.16
C LYS A 3 4.96 2.31 5.56
N CYS A 4 4.28 3.44 5.78
CA CYS A 4 2.90 3.62 5.35
C CYS A 4 2.80 3.51 3.82
N PHE A 5 1.85 2.70 3.35
CA PHE A 5 1.61 2.48 1.94
C PHE A 5 0.87 3.68 1.34
N ASN A 6 -0.01 4.29 2.13
CA ASN A 6 -0.85 5.43 1.80
C ASN A 6 -0.04 6.73 1.65
N CYS A 7 1.17 6.84 2.23
CA CYS A 7 1.93 8.11 2.20
C CYS A 7 3.46 7.95 2.24
N GLY A 8 3.99 6.86 2.78
CA GLY A 8 5.42 6.56 2.84
C GLY A 8 5.96 6.66 4.27
N LYS A 9 5.60 7.75 4.96
CA LYS A 9 6.10 8.06 6.29
C LYS A 9 5.81 6.91 7.26
N GLU A 10 6.84 6.53 8.03
CA GLU A 10 6.84 5.41 8.93
C GLU A 10 6.09 5.68 10.24
N GLY A 11 6.31 4.78 11.19
CA GLY A 11 5.68 4.77 12.50
C GLY A 11 4.17 4.49 12.50
N HIS A 12 3.53 4.33 11.32
CA HIS A 12 2.09 4.17 11.23
C HIS A 12 1.66 3.41 9.97
N THR A 13 0.47 2.80 9.99
CA THR A 13 -0.07 2.01 8.86
C THR A 13 -1.10 2.81 8.06
N ALA A 14 -1.59 2.25 6.96
CA ALA A 14 -2.57 2.90 6.10
C ALA A 14 -3.83 3.31 6.87
N ARG A 15 -4.35 2.41 7.71
CA ARG A 15 -5.48 2.67 8.61
C ARG A 15 -5.24 3.89 9.51
N ASN A 16 -4.00 4.04 10.00
CA ASN A 16 -3.62 5.13 10.87
C ASN A 16 -3.48 6.43 10.08
N CYS A 17 -3.01 6.32 8.84
CA CYS A 17 -2.73 7.48 8.01
C CYS A 17 -4.01 8.22 7.64
N ARG A 18 -4.16 9.45 8.16
CA ARG A 18 -5.29 10.30 7.83
C ARG A 18 -5.02 11.00 6.49
N ALA A 19 -4.98 10.20 5.42
CA ALA A 19 -4.77 10.61 4.04
C ALA A 19 -5.71 9.76 3.17
N PRO A 20 -6.17 10.27 2.02
CA PRO A 20 -6.99 9.48 1.11
C PRO A 20 -6.15 8.39 0.46
N ARG A 21 -6.60 7.14 0.60
CA ARG A 21 -5.86 5.98 0.13
C ARG A 21 -6.20 5.62 -1.31
N LYS A 22 -5.56 4.57 -1.83
CA LYS A 22 -5.63 4.13 -3.20
C LYS A 22 -6.80 3.15 -3.39
N LYS A 23 -7.12 2.86 -4.64
CA LYS A 23 -8.12 1.86 -5.01
C LYS A 23 -7.45 0.51 -5.15
N GLY A 24 -6.53 0.40 -6.12
CA GLY A 24 -5.87 -0.83 -6.49
C GLY A 24 -4.59 -1.10 -5.68
N CYS A 25 -3.85 -2.12 -6.15
CA CYS A 25 -2.59 -2.60 -5.64
C CYS A 25 -1.61 -1.46 -5.38
N TRP A 26 -1.19 -1.29 -4.12
CA TRP A 26 -0.20 -0.29 -3.75
C TRP A 26 1.14 -0.52 -4.46
N LYS A 27 1.64 -1.76 -4.47
CA LYS A 27 2.95 -2.07 -5.02
C LYS A 27 2.95 -2.01 -6.54
N CYS A 28 2.38 -3.03 -7.20
CA CYS A 28 2.45 -3.11 -8.66
C CYS A 28 1.66 -2.00 -9.36
N GLY A 29 0.61 -1.46 -8.73
CA GLY A 29 -0.14 -0.31 -9.26
C GLY A 29 -1.51 -0.71 -9.80
N LYS A 30 -1.61 -1.86 -10.47
CA LYS A 30 -2.83 -2.35 -11.09
C LYS A 30 -3.96 -2.47 -10.08
N GLU A 31 -5.20 -2.38 -10.56
CA GLU A 31 -6.39 -2.50 -9.73
C GLU A 31 -7.12 -3.80 -10.03
N GLY A 32 -8.28 -3.98 -9.38
CA GLY A 32 -9.05 -5.20 -9.43
C GLY A 32 -8.62 -6.15 -8.31
N HIS A 33 -7.32 -6.14 -7.99
CA HIS A 33 -6.71 -6.88 -6.90
C HIS A 33 -5.94 -5.94 -5.97
N GLN A 34 -5.47 -6.44 -4.81
CA GLN A 34 -4.70 -5.66 -3.83
C GLN A 34 -3.28 -6.20 -3.72
N MET A 35 -2.37 -5.44 -3.12
CA MET A 35 -0.99 -5.85 -2.86
C MET A 35 -0.95 -7.21 -2.15
N LYS A 36 -1.88 -7.40 -1.22
CA LYS A 36 -2.10 -8.65 -0.50
C LYS A 36 -2.23 -9.82 -1.47
N ASP A 37 -3.13 -9.69 -2.45
CA ASP A 37 -3.41 -10.66 -3.50
C ASP A 37 -2.18 -10.88 -4.39
N CYS A 38 -1.70 -9.77 -4.95
CA CYS A 38 -0.62 -9.65 -5.92
C CYS A 38 0.59 -10.55 -5.65
N THR A 39 1.25 -10.92 -6.75
CA THR A 39 2.48 -11.69 -6.80
C THR A 39 3.17 -11.49 -8.15
N GLU A 40 3.07 -10.26 -8.70
CA GLU A 40 3.71 -9.84 -9.93
C GLU A 40 5.22 -10.02 -9.81
N ARG A 41 5.82 -9.32 -8.84
CA ARG A 41 7.24 -9.44 -8.50
C ARG A 41 7.48 -10.65 -7.59
N GLN A 42 6.81 -11.76 -7.90
CA GLN A 42 6.93 -13.07 -7.28
C GLN A 42 6.92 -13.00 -5.75
N ALA A 43 5.76 -12.62 -5.18
CA ALA A 43 5.56 -12.60 -3.73
C ALA A 43 5.46 -14.03 -3.22
N ASN A 44 4.63 -14.85 -3.88
CA ASN A 44 4.40 -16.25 -3.57
C ASN A 44 3.87 -16.43 -2.14
N ASN A 1 8.35 -1.54 12.55
CA ASN A 1 9.00 -0.88 11.41
C ASN A 1 8.09 -0.91 10.19
N VAL A 2 7.66 0.26 9.71
CA VAL A 2 6.70 0.39 8.62
C VAL A 2 6.95 1.65 7.80
N LYS A 3 6.34 1.67 6.61
CA LYS A 3 6.29 2.77 5.66
C LYS A 3 4.82 2.88 5.28
N CYS A 4 4.19 4.03 5.55
CA CYS A 4 2.83 4.27 5.14
C CYS A 4 2.72 4.14 3.62
N PHE A 5 1.82 3.28 3.14
CA PHE A 5 1.56 3.10 1.72
C PHE A 5 0.75 4.28 1.18
N ASN A 6 -0.09 4.85 2.05
CA ASN A 6 -1.02 5.93 1.77
C ASN A 6 -0.35 7.32 1.71
N CYS A 7 0.93 7.45 2.10
CA CYS A 7 1.66 8.71 1.98
C CYS A 7 3.18 8.54 1.84
N GLY A 8 3.76 7.47 2.44
CA GLY A 8 5.20 7.18 2.39
C GLY A 8 5.82 7.19 3.79
N LYS A 9 5.51 8.23 4.58
CA LYS A 9 6.08 8.45 5.90
C LYS A 9 6.01 7.22 6.80
N GLU A 10 7.13 6.95 7.48
CA GLU A 10 7.33 5.80 8.33
C GLU A 10 6.71 6.01 9.71
N GLY A 11 6.85 4.98 10.57
CA GLY A 11 6.33 5.00 11.93
C GLY A 11 4.86 4.55 11.93
N HIS A 12 4.03 5.22 11.13
CA HIS A 12 2.62 4.91 11.00
C HIS A 12 2.34 4.13 9.71
N THR A 13 1.17 3.48 9.64
CA THR A 13 0.74 2.67 8.51
C THR A 13 -0.36 3.37 7.73
N ALA A 14 -0.74 2.78 6.58
CA ALA A 14 -1.85 3.27 5.77
C ALA A 14 -3.14 3.36 6.59
N ARG A 15 -3.42 2.36 7.44
CA ARG A 15 -4.60 2.35 8.30
C ARG A 15 -4.61 3.48 9.32
N ASN A 16 -3.43 4.03 9.66
CA ASN A 16 -3.32 5.18 10.53
C ASN A 16 -3.57 6.48 9.74
N CYS A 17 -3.05 6.52 8.51
CA CYS A 17 -3.09 7.70 7.67
C CYS A 17 -4.51 8.04 7.20
N ARG A 18 -5.11 9.11 7.75
CA ARG A 18 -6.40 9.59 7.29
C ARG A 18 -6.13 10.49 6.08
N ALA A 19 -5.80 9.84 4.96
CA ALA A 19 -5.41 10.46 3.70
C ALA A 19 -6.12 9.73 2.56
N PRO A 20 -6.39 10.41 1.42
CA PRO A 20 -7.05 9.80 0.28
C PRO A 20 -6.19 8.67 -0.27
N ARG A 21 -6.78 7.47 -0.30
CA ARG A 21 -6.11 6.24 -0.68
C ARG A 21 -6.21 6.01 -2.19
N LYS A 22 -5.62 4.89 -2.63
CA LYS A 22 -5.67 4.39 -3.98
C LYS A 22 -6.90 3.47 -4.12
N LYS A 23 -7.18 3.06 -5.35
CA LYS A 23 -8.25 2.10 -5.65
C LYS A 23 -7.64 0.70 -5.58
N GLY A 24 -6.60 0.47 -6.41
CA GLY A 24 -5.98 -0.83 -6.57
C GLY A 24 -4.81 -1.05 -5.62
N CYS A 25 -4.06 -2.12 -5.88
CA CYS A 25 -2.86 -2.52 -5.16
C CYS A 25 -1.92 -1.34 -5.00
N TRP A 26 -1.53 -1.02 -3.76
CA TRP A 26 -0.66 0.12 -3.50
C TRP A 26 0.72 -0.08 -4.13
N LYS A 27 1.35 -1.19 -3.78
CA LYS A 27 2.71 -1.53 -4.17
C LYS A 27 2.87 -1.64 -5.67
N CYS A 28 2.20 -2.64 -6.28
CA CYS A 28 2.33 -2.93 -7.70
C CYS A 28 1.50 -1.98 -8.57
N GLY A 29 0.35 -1.48 -8.07
CA GLY A 29 -0.47 -0.52 -8.79
C GLY A 29 -1.78 -1.14 -9.30
N LYS A 30 -1.67 -2.34 -9.88
CA LYS A 30 -2.78 -3.05 -10.53
C LYS A 30 -3.96 -3.23 -9.57
N GLU A 31 -5.17 -2.98 -10.06
CA GLU A 31 -6.38 -3.07 -9.26
C GLU A 31 -7.01 -4.46 -9.34
N GLY A 32 -8.19 -4.59 -8.72
CA GLY A 32 -8.90 -5.85 -8.58
C GLY A 32 -8.29 -6.76 -7.51
N HIS A 33 -7.28 -6.27 -6.77
CA HIS A 33 -6.62 -7.01 -5.70
C HIS A 33 -5.82 -6.07 -4.81
N GLN A 34 -5.41 -6.52 -3.61
CA GLN A 34 -4.72 -5.70 -2.61
C GLN A 34 -3.22 -6.01 -2.56
N MET A 35 -2.45 -5.12 -1.92
CA MET A 35 -1.01 -5.29 -1.70
C MET A 35 -0.71 -6.62 -1.01
N LYS A 36 -1.49 -6.96 0.02
CA LYS A 36 -1.45 -8.21 0.72
C LYS A 36 -1.51 -9.39 -0.25
N ASP A 37 -2.63 -9.48 -0.98
CA ASP A 37 -2.95 -10.51 -1.95
C ASP A 37 -1.79 -10.75 -2.93
N CYS A 38 -1.40 -9.65 -3.58
CA CYS A 38 -0.44 -9.56 -4.64
C CYS A 38 0.92 -10.21 -4.40
N THR A 39 1.46 -10.75 -5.49
CA THR A 39 2.75 -11.38 -5.62
C THR A 39 3.68 -10.60 -6.58
N GLU A 40 3.11 -9.71 -7.41
CA GLU A 40 3.82 -8.97 -8.45
C GLU A 40 5.12 -8.33 -7.94
N ARG A 41 5.00 -7.18 -7.28
CA ARG A 41 6.09 -6.37 -6.76
C ARG A 41 6.17 -6.51 -5.24
N GLN A 42 6.00 -7.75 -4.75
CA GLN A 42 5.93 -8.12 -3.38
C GLN A 42 7.28 -7.89 -2.69
N ALA A 43 7.44 -6.73 -2.05
CA ALA A 43 8.61 -6.36 -1.27
C ALA A 43 8.19 -5.27 -0.28
N ASN A 44 7.16 -5.56 0.53
CA ASN A 44 6.53 -4.65 1.47
C ASN A 44 5.95 -3.46 0.70
N ASN A 1 8.72 -2.91 12.12
CA ASN A 1 8.51 -1.50 11.69
C ASN A 1 7.84 -1.45 10.32
N VAL A 2 7.39 -0.24 9.92
CA VAL A 2 6.62 -0.05 8.70
C VAL A 2 6.94 1.28 8.00
N LYS A 3 6.43 1.36 6.76
CA LYS A 3 6.41 2.50 5.85
C LYS A 3 5.03 2.52 5.20
N CYS A 4 4.23 3.51 5.63
CA CYS A 4 2.84 3.68 5.25
C CYS A 4 2.63 3.49 3.75
N PHE A 5 1.78 2.52 3.41
CA PHE A 5 1.47 2.18 2.02
C PHE A 5 0.63 3.28 1.37
N ASN A 6 -0.08 4.06 2.20
CA ASN A 6 -0.99 5.12 1.82
C ASN A 6 -0.28 6.49 1.69
N CYS A 7 0.97 6.65 2.15
CA CYS A 7 1.67 7.94 2.08
C CYS A 7 3.21 7.84 2.04
N GLY A 8 3.82 6.80 2.63
CA GLY A 8 5.25 6.52 2.60
C GLY A 8 5.92 6.70 3.95
N LYS A 9 5.51 7.72 4.72
CA LYS A 9 6.13 8.03 5.99
C LYS A 9 6.05 6.85 6.96
N GLU A 10 7.14 6.62 7.69
CA GLU A 10 7.28 5.50 8.59
C GLU A 10 6.53 5.74 9.90
N GLY A 11 6.85 4.91 10.89
CA GLY A 11 6.21 4.88 12.20
C GLY A 11 4.84 4.23 12.15
N HIS A 12 3.97 4.69 11.24
CA HIS A 12 2.58 4.27 11.11
C HIS A 12 2.27 3.50 9.82
N THR A 13 1.11 2.84 9.79
CA THR A 13 0.59 2.07 8.67
C THR A 13 -0.51 2.84 7.95
N ALA A 14 -0.93 2.35 6.78
CA ALA A 14 -2.03 2.91 6.01
C ALA A 14 -3.25 3.21 6.89
N ARG A 15 -3.70 2.23 7.70
CA ARG A 15 -4.91 2.36 8.49
C ARG A 15 -4.85 3.52 9.50
N ASN A 16 -3.67 3.77 10.08
CA ASN A 16 -3.48 4.91 10.98
C ASN A 16 -3.53 6.24 10.21
N CYS A 17 -2.79 6.29 9.09
CA CYS A 17 -2.56 7.45 8.25
C CYS A 17 -3.69 8.48 8.14
N ARG A 18 -4.86 8.04 7.69
CA ARG A 18 -6.01 8.88 7.39
C ARG A 18 -5.68 9.85 6.26
N ALA A 19 -5.34 9.24 5.11
CA ALA A 19 -5.07 9.87 3.82
C ALA A 19 -5.96 9.12 2.82
N PRO A 20 -6.37 9.74 1.70
CA PRO A 20 -7.28 9.12 0.76
C PRO A 20 -6.66 7.87 0.13
N ARG A 21 -7.39 6.74 0.22
CA ARG A 21 -6.89 5.45 -0.24
C ARG A 21 -7.25 5.26 -1.71
N LYS A 22 -6.50 4.37 -2.37
CA LYS A 22 -6.60 4.12 -3.80
C LYS A 22 -7.64 3.04 -4.08
N LYS A 23 -7.80 2.65 -5.35
CA LYS A 23 -8.71 1.60 -5.74
C LYS A 23 -7.97 0.27 -5.73
N GLY A 24 -6.97 0.13 -6.60
CA GLY A 24 -6.23 -1.11 -6.80
C GLY A 24 -4.93 -1.16 -5.99
N CYS A 25 -4.10 -2.17 -6.30
CA CYS A 25 -2.82 -2.47 -5.68
C CYS A 25 -1.96 -1.23 -5.53
N TRP A 26 -1.57 -0.87 -4.30
CA TRP A 26 -0.82 0.35 -4.04
C TRP A 26 0.48 0.41 -4.85
N LYS A 27 1.32 -0.61 -4.73
CA LYS A 27 2.63 -0.65 -5.34
C LYS A 27 2.53 -0.93 -6.84
N CYS A 28 2.14 -2.16 -7.22
CA CYS A 28 2.07 -2.59 -8.61
C CYS A 28 1.08 -1.77 -9.44
N GLY A 29 -0.01 -1.27 -8.84
CA GLY A 29 -0.96 -0.39 -9.50
C GLY A 29 -2.23 -1.13 -9.92
N LYS A 30 -2.03 -2.31 -10.50
CA LYS A 30 -3.08 -3.14 -11.07
C LYS A 30 -4.12 -3.51 -10.03
N GLU A 31 -5.38 -3.24 -10.34
CA GLU A 31 -6.52 -3.47 -9.46
C GLU A 31 -7.06 -4.89 -9.54
N GLY A 32 -8.16 -5.12 -8.82
CA GLY A 32 -8.78 -6.43 -8.66
C GLY A 32 -8.05 -7.25 -7.60
N HIS A 33 -7.05 -6.67 -6.91
CA HIS A 33 -6.27 -7.29 -5.86
C HIS A 33 -5.48 -6.22 -5.10
N GLN A 34 -4.86 -6.59 -3.97
CA GLN A 34 -4.14 -5.67 -3.10
C GLN A 34 -2.62 -5.90 -3.14
N MET A 35 -1.84 -4.94 -2.62
CA MET A 35 -0.38 -5.01 -2.56
C MET A 35 0.07 -6.27 -1.84
N LYS A 36 -0.56 -6.57 -0.70
CA LYS A 36 -0.38 -7.76 0.10
C LYS A 36 -0.54 -9.02 -0.77
N ASP A 37 -1.73 -9.21 -1.34
CA ASP A 37 -2.09 -10.28 -2.25
C ASP A 37 -1.02 -10.52 -3.33
N CYS A 38 -0.76 -9.45 -4.07
CA CYS A 38 0.10 -9.34 -5.23
C CYS A 38 1.51 -9.89 -5.06
N THR A 39 2.06 -10.31 -6.20
CA THR A 39 3.42 -10.81 -6.38
C THR A 39 4.11 -10.05 -7.54
N GLU A 40 3.34 -9.31 -8.36
CA GLU A 40 3.80 -8.61 -9.55
C GLU A 40 5.05 -7.77 -9.26
N ARG A 41 4.88 -6.69 -8.49
CA ARG A 41 5.94 -5.77 -8.10
C ARG A 41 5.63 -5.22 -6.71
N GLN A 42 6.14 -5.92 -5.68
CA GLN A 42 6.07 -5.50 -4.28
C GLN A 42 7.40 -4.82 -3.91
N ALA A 43 7.46 -4.23 -2.71
CA ALA A 43 8.70 -3.65 -2.18
C ALA A 43 9.69 -4.78 -1.84
N ASN A 44 9.20 -5.82 -1.19
CA ASN A 44 9.94 -7.02 -0.83
C ASN A 44 8.95 -8.18 -0.69
N ASN A 1 9.10 -1.57 13.67
CA ASN A 1 8.83 -0.37 12.84
C ASN A 1 8.02 -0.75 11.60
N VAL A 2 7.49 0.25 10.89
CA VAL A 2 6.60 0.06 9.75
C VAL A 2 6.58 1.32 8.87
N LYS A 3 6.22 1.15 7.60
CA LYS A 3 6.01 2.23 6.62
C LYS A 3 4.56 2.20 6.19
N CYS A 4 3.89 3.35 6.24
CA CYS A 4 2.53 3.49 5.76
C CYS A 4 2.50 3.30 4.24
N PHE A 5 1.51 2.56 3.75
CA PHE A 5 1.30 2.29 2.34
C PHE A 5 0.44 3.41 1.73
N ASN A 6 -0.51 3.90 2.53
CA ASN A 6 -1.45 4.96 2.24
C ASN A 6 -0.75 6.32 2.04
N CYS A 7 0.50 6.51 2.54
CA CYS A 7 1.24 7.77 2.37
C CYS A 7 2.76 7.59 2.27
N GLY A 8 3.35 6.62 2.99
CA GLY A 8 4.80 6.41 3.07
C GLY A 8 5.31 6.58 4.49
N LYS A 9 4.93 7.67 5.15
CA LYS A 9 5.40 8.04 6.49
C LYS A 9 5.29 6.89 7.47
N GLU A 10 6.34 6.71 8.25
CA GLU A 10 6.50 5.61 9.18
C GLU A 10 5.70 5.89 10.46
N GLY A 11 6.04 5.13 11.50
CA GLY A 11 5.36 5.13 12.79
C GLY A 11 4.03 4.37 12.70
N HIS A 12 3.15 4.82 11.80
CA HIS A 12 1.79 4.33 11.62
C HIS A 12 1.62 3.51 10.33
N THR A 13 0.43 2.90 10.16
CA THR A 13 0.05 2.06 9.03
C THR A 13 -1.07 2.71 8.22
N ALA A 14 -1.35 2.14 7.04
CA ALA A 14 -2.42 2.58 6.16
C ALA A 14 -3.76 2.72 6.90
N ARG A 15 -4.11 1.71 7.70
CA ARG A 15 -5.33 1.67 8.50
C ARG A 15 -5.47 2.90 9.41
N ASN A 16 -4.37 3.40 9.97
CA ASN A 16 -4.38 4.62 10.76
C ASN A 16 -4.45 5.87 9.89
N CYS A 17 -3.68 5.87 8.79
CA CYS A 17 -3.52 7.01 7.91
C CYS A 17 -4.82 7.59 7.37
N ARG A 18 -5.23 8.73 7.93
CA ARG A 18 -6.38 9.48 7.48
C ARG A 18 -5.97 10.43 6.35
N ALA A 19 -5.61 9.83 5.21
CA ALA A 19 -5.29 10.50 3.96
C ALA A 19 -5.81 9.62 2.81
N PRO A 20 -5.93 10.17 1.58
CA PRO A 20 -6.38 9.43 0.42
C PRO A 20 -5.51 8.21 0.11
N ARG A 21 -6.10 7.19 -0.50
CA ARG A 21 -5.44 5.99 -0.96
C ARG A 21 -6.00 5.56 -2.32
N LYS A 22 -5.50 4.44 -2.85
CA LYS A 22 -5.86 3.92 -4.16
C LYS A 22 -7.08 3.00 -4.01
N LYS A 23 -7.51 2.39 -5.13
CA LYS A 23 -8.58 1.39 -5.15
C LYS A 23 -7.93 0.02 -5.37
N GLY A 24 -7.11 -0.10 -6.42
CA GLY A 24 -6.33 -1.29 -6.72
C GLY A 24 -5.00 -1.27 -5.97
N CYS A 25 -4.10 -2.18 -6.38
CA CYS A 25 -2.80 -2.45 -5.78
C CYS A 25 -1.99 -1.21 -5.41
N TRP A 26 -1.57 -1.10 -4.15
CA TRP A 26 -0.70 -0.01 -3.71
C TRP A 26 0.65 -0.01 -4.42
N LYS A 27 1.24 -1.20 -4.63
CA LYS A 27 2.55 -1.34 -5.25
C LYS A 27 2.49 -0.98 -6.74
N CYS A 28 2.01 -1.92 -7.55
CA CYS A 28 1.97 -1.81 -8.99
C CYS A 28 0.84 -0.94 -9.51
N GLY A 29 -0.38 -0.96 -8.90
CA GLY A 29 -1.43 -0.03 -9.32
C GLY A 29 -2.52 -0.69 -10.16
N LYS A 30 -2.35 -1.96 -10.50
CA LYS A 30 -3.34 -2.75 -11.20
C LYS A 30 -4.38 -3.18 -10.18
N GLU A 31 -5.63 -3.25 -10.63
CA GLU A 31 -6.76 -3.53 -9.77
C GLU A 31 -7.18 -4.98 -9.87
N GLY A 32 -8.28 -5.31 -9.20
CA GLY A 32 -8.75 -6.68 -9.08
C GLY A 32 -7.79 -7.50 -8.21
N HIS A 33 -6.82 -6.84 -7.54
CA HIS A 33 -5.89 -7.43 -6.60
C HIS A 33 -5.32 -6.36 -5.67
N GLN A 34 -4.99 -6.75 -4.43
CA GLN A 34 -4.33 -5.89 -3.45
C GLN A 34 -2.82 -6.07 -3.56
N MET A 35 -2.03 -5.24 -2.87
CA MET A 35 -0.57 -5.32 -2.89
C MET A 35 -0.07 -6.71 -2.48
N LYS A 36 -0.67 -7.29 -1.45
CA LYS A 36 -0.38 -8.65 -1.01
C LYS A 36 -0.65 -9.65 -2.15
N ASP A 37 -1.86 -9.57 -2.72
CA ASP A 37 -2.37 -10.43 -3.78
C ASP A 37 -1.50 -10.42 -5.04
N CYS A 38 -1.03 -9.22 -5.41
CA CYS A 38 -0.26 -8.86 -6.59
C CYS A 38 0.75 -9.90 -7.06
N THR A 39 0.95 -9.93 -8.39
CA THR A 39 1.79 -10.92 -9.08
C THR A 39 2.50 -10.36 -10.32
N GLU A 40 2.51 -9.04 -10.49
CA GLU A 40 3.01 -8.27 -11.65
C GLU A 40 3.83 -9.08 -12.64
N ARG A 41 5.07 -9.37 -12.23
CA ARG A 41 6.04 -10.21 -12.91
C ARG A 41 6.76 -11.03 -11.83
N GLN A 42 5.98 -11.59 -10.90
CA GLN A 42 6.45 -12.30 -9.74
C GLN A 42 6.07 -13.78 -9.84
N ALA A 43 6.85 -14.65 -9.19
CA ALA A 43 6.57 -16.07 -9.09
C ALA A 43 5.58 -16.31 -7.96
N ASN A 44 4.37 -15.75 -8.11
CA ASN A 44 3.31 -15.76 -7.11
C ASN A 44 2.11 -16.50 -7.70
N ASN A 1 9.13 -1.00 13.40
CA ASN A 1 8.90 0.04 12.37
C ASN A 1 8.02 -0.50 11.24
N VAL A 2 7.48 0.41 10.42
CA VAL A 2 6.58 0.09 9.32
C VAL A 2 6.55 1.27 8.35
N LYS A 3 6.13 1.03 7.11
CA LYS A 3 5.92 2.05 6.08
C LYS A 3 4.44 2.09 5.74
N CYS A 4 3.86 3.29 5.76
CA CYS A 4 2.48 3.49 5.36
C CYS A 4 2.35 3.21 3.86
N PHE A 5 1.36 2.41 3.48
CA PHE A 5 1.07 2.07 2.10
C PHE A 5 0.19 3.15 1.47
N ASN A 6 -0.68 3.76 2.30
CA ASN A 6 -1.56 4.85 1.95
C ASN A 6 -0.81 6.14 1.54
N CYS A 7 0.41 6.36 2.04
CA CYS A 7 1.14 7.61 1.80
C CYS A 7 2.67 7.48 1.75
N GLY A 8 3.26 6.38 2.24
CA GLY A 8 4.70 6.14 2.22
C GLY A 8 5.35 6.38 3.58
N LYS A 9 4.91 7.43 4.28
CA LYS A 9 5.49 7.86 5.54
C LYS A 9 5.56 6.72 6.56
N GLU A 10 6.73 6.58 7.18
CA GLU A 10 6.99 5.54 8.15
C GLU A 10 6.41 5.88 9.51
N GLY A 11 6.44 4.89 10.39
CA GLY A 11 5.92 4.97 11.75
C GLY A 11 4.52 4.39 11.84
N HIS A 12 3.62 4.78 10.92
CA HIS A 12 2.23 4.38 10.92
C HIS A 12 1.87 3.53 9.69
N THR A 13 0.76 2.80 9.77
CA THR A 13 0.22 1.94 8.71
C THR A 13 -0.84 2.66 7.89
N ALA A 14 -1.26 2.04 6.79
CA ALA A 14 -2.35 2.55 5.98
C ALA A 14 -3.60 2.78 6.83
N ARG A 15 -3.99 1.79 7.64
CA ARG A 15 -5.16 1.87 8.51
C ARG A 15 -5.12 3.07 9.46
N ASN A 16 -3.94 3.39 10.01
CA ASN A 16 -3.77 4.58 10.83
C ASN A 16 -3.97 5.84 9.99
N CYS A 17 -3.29 5.89 8.84
CA CYS A 17 -3.25 7.04 7.94
C CYS A 17 -4.63 7.43 7.44
N ARG A 18 -5.13 8.61 7.85
CA ARG A 18 -6.38 9.14 7.34
C ARG A 18 -6.07 10.07 6.16
N ALA A 19 -5.60 9.45 5.08
CA ALA A 19 -5.33 10.06 3.79
C ALA A 19 -6.09 9.27 2.73
N PRO A 20 -6.36 9.84 1.55
CA PRO A 20 -7.10 9.18 0.49
C PRO A 20 -6.38 7.90 0.04
N ARG A 21 -7.09 6.77 0.15
CA ARG A 21 -6.59 5.46 -0.24
C ARG A 21 -6.92 5.20 -1.73
N LYS A 22 -6.28 4.19 -2.31
CA LYS A 22 -6.40 3.89 -3.73
C LYS A 22 -7.57 2.92 -3.97
N LYS A 23 -7.72 2.44 -5.21
CA LYS A 23 -8.73 1.46 -5.57
C LYS A 23 -8.12 0.08 -5.37
N GLY A 24 -6.95 -0.14 -5.97
CA GLY A 24 -6.24 -1.40 -5.97
C GLY A 24 -4.91 -1.30 -5.25
N CYS A 25 -4.07 -2.32 -5.47
CA CYS A 25 -2.70 -2.50 -5.00
C CYS A 25 -2.01 -1.18 -4.68
N TRP A 26 -1.75 -0.92 -3.39
CA TRP A 26 -1.07 0.29 -2.97
C TRP A 26 0.31 0.44 -3.62
N LYS A 27 1.07 -0.66 -3.70
CA LYS A 27 2.42 -0.63 -4.24
C LYS A 27 2.42 -0.47 -5.77
N CYS A 28 2.10 -1.54 -6.49
CA CYS A 28 2.18 -1.57 -7.94
C CYS A 28 1.12 -0.72 -8.65
N GLY A 29 -0.02 -0.43 -8.00
CA GLY A 29 -1.04 0.47 -8.55
C GLY A 29 -2.21 -0.27 -9.19
N LYS A 30 -1.94 -1.42 -9.82
CA LYS A 30 -2.92 -2.28 -10.46
C LYS A 30 -4.07 -2.59 -9.50
N GLU A 31 -5.25 -2.91 -10.06
CA GLU A 31 -6.41 -3.31 -9.28
C GLU A 31 -6.79 -4.76 -9.56
N GLY A 32 -7.85 -5.21 -8.90
CA GLY A 32 -8.30 -6.59 -8.93
C GLY A 32 -7.49 -7.44 -7.94
N HIS A 33 -6.53 -6.81 -7.21
CA HIS A 33 -5.73 -7.44 -6.19
C HIS A 33 -5.14 -6.38 -5.26
N GLN A 34 -4.71 -6.74 -4.03
CA GLN A 34 -4.11 -5.81 -3.06
C GLN A 34 -2.59 -5.96 -3.00
N MET A 35 -1.92 -5.05 -2.30
CA MET A 35 -0.47 -5.05 -2.11
C MET A 35 0.00 -6.38 -1.52
N LYS A 36 -0.69 -6.83 -0.47
CA LYS A 36 -0.47 -8.12 0.17
C LYS A 36 -0.45 -9.26 -0.85
N ASP A 37 -1.48 -9.33 -1.71
CA ASP A 37 -1.64 -10.34 -2.74
C ASP A 37 -0.47 -10.32 -3.73
N CYS A 38 -0.26 -9.15 -4.31
CA CYS A 38 0.70 -8.85 -5.36
C CYS A 38 2.10 -9.38 -5.17
N THR A 39 2.63 -9.87 -6.28
CA THR A 39 3.99 -10.35 -6.44
C THR A 39 4.58 -9.89 -7.79
N GLU A 40 3.96 -8.88 -8.43
CA GLU A 40 4.44 -8.27 -9.66
C GLU A 40 5.89 -7.78 -9.51
N ARG A 41 6.05 -6.61 -8.91
CA ARG A 41 7.31 -5.95 -8.66
C ARG A 41 7.35 -5.51 -7.20
N GLN A 42 7.70 -6.46 -6.31
CA GLN A 42 7.75 -6.26 -4.87
C GLN A 42 8.95 -5.39 -4.46
N ALA A 43 8.86 -4.08 -4.69
CA ALA A 43 9.88 -3.11 -4.29
C ALA A 43 9.72 -2.75 -2.82
N ASN A 44 9.85 -3.75 -1.94
CA ASN A 44 9.79 -3.63 -0.48
C ASN A 44 8.47 -3.03 0.00
N ASN A 1 9.05 -1.29 13.38
CA ASN A 1 8.82 -0.16 12.46
C ASN A 1 8.05 -0.60 11.22
N VAL A 2 7.57 0.37 10.42
CA VAL A 2 6.72 0.12 9.26
C VAL A 2 6.67 1.37 8.37
N LYS A 3 6.23 1.21 7.12
CA LYS A 3 5.99 2.29 6.17
C LYS A 3 4.51 2.26 5.79
N CYS A 4 3.84 3.41 5.91
CA CYS A 4 2.45 3.54 5.54
C CYS A 4 2.29 3.36 4.04
N PHE A 5 1.37 2.49 3.64
CA PHE A 5 1.05 2.21 2.25
C PHE A 5 0.12 3.29 1.70
N ASN A 6 -0.72 3.85 2.56
CA ASN A 6 -1.72 4.87 2.27
C ASN A 6 -1.11 6.28 2.14
N CYS A 7 0.18 6.50 2.46
CA CYS A 7 0.83 7.80 2.26
C CYS A 7 2.34 7.72 2.05
N GLY A 8 3.03 6.74 2.66
CA GLY A 8 4.48 6.57 2.59
C GLY A 8 5.11 6.77 3.96
N LYS A 9 4.73 7.86 4.65
CA LYS A 9 5.29 8.24 5.94
C LYS A 9 5.29 7.07 6.92
N GLU A 10 6.46 6.86 7.51
CA GLU A 10 6.74 5.74 8.38
C GLU A 10 6.16 5.95 9.76
N GLY A 11 6.61 5.12 10.68
CA GLY A 11 6.11 5.06 12.05
C GLY A 11 4.78 4.31 12.11
N HIS A 12 3.80 4.73 11.30
CA HIS A 12 2.43 4.23 11.29
C HIS A 12 2.08 3.45 10.01
N THR A 13 0.96 2.71 10.05
CA THR A 13 0.45 1.86 8.96
C THR A 13 -0.68 2.56 8.20
N ALA A 14 -1.11 1.96 7.08
CA ALA A 14 -2.25 2.44 6.31
C ALA A 14 -3.45 2.61 7.25
N ARG A 15 -3.80 1.55 7.98
CA ARG A 15 -4.94 1.55 8.89
C ARG A 15 -4.97 2.75 9.83
N ASN A 16 -3.83 3.13 10.42
CA ASN A 16 -3.72 4.32 11.25
C ASN A 16 -4.01 5.59 10.42
N CYS A 17 -3.37 5.68 9.26
CA CYS A 17 -3.40 6.83 8.37
C CYS A 17 -4.81 7.25 7.96
N ARG A 18 -5.26 8.38 8.52
CA ARG A 18 -6.53 9.01 8.17
C ARG A 18 -6.28 9.83 6.89
N ALA A 19 -6.20 9.15 5.74
CA ALA A 19 -5.97 9.79 4.44
C ALA A 19 -6.67 9.02 3.32
N PRO A 20 -6.95 9.68 2.18
CA PRO A 20 -7.57 9.06 1.01
C PRO A 20 -6.70 7.94 0.45
N ARG A 21 -7.32 6.81 0.09
CA ARG A 21 -6.63 5.61 -0.39
C ARG A 21 -6.68 5.49 -1.91
N LYS A 22 -6.09 4.40 -2.41
CA LYS A 22 -5.89 4.06 -3.79
C LYS A 22 -7.13 3.28 -4.27
N LYS A 23 -7.19 2.93 -5.57
CA LYS A 23 -8.25 2.10 -6.12
C LYS A 23 -7.80 0.66 -5.97
N GLY A 24 -6.66 0.34 -6.60
CA GLY A 24 -6.11 -1.00 -6.63
C GLY A 24 -4.88 -1.12 -5.74
N CYS A 25 -4.00 -2.06 -6.13
CA CYS A 25 -2.74 -2.39 -5.49
C CYS A 25 -1.93 -1.15 -5.14
N TRP A 26 -1.56 -0.97 -3.86
CA TRP A 26 -0.76 0.16 -3.43
C TRP A 26 0.59 0.23 -4.14
N LYS A 27 1.31 -0.89 -4.27
CA LYS A 27 2.62 -0.92 -4.91
C LYS A 27 2.51 -0.76 -6.43
N CYS A 28 2.09 -1.81 -7.13
CA CYS A 28 2.07 -1.82 -8.59
C CYS A 28 1.02 -0.88 -9.21
N GLY A 29 -0.11 -0.66 -8.54
CA GLY A 29 -1.16 0.26 -8.99
C GLY A 29 -2.41 -0.48 -9.44
N LYS A 30 -2.21 -1.56 -10.22
CA LYS A 30 -3.27 -2.33 -10.85
C LYS A 30 -4.24 -2.91 -9.83
N GLU A 31 -5.53 -2.81 -10.13
CA GLU A 31 -6.60 -3.25 -9.25
C GLU A 31 -6.97 -4.71 -9.48
N GLY A 32 -8.05 -5.14 -8.84
CA GLY A 32 -8.50 -6.52 -8.83
C GLY A 32 -7.67 -7.38 -7.89
N HIS A 33 -6.71 -6.79 -7.17
CA HIS A 33 -5.85 -7.45 -6.19
C HIS A 33 -5.20 -6.40 -5.28
N GLN A 34 -4.63 -6.83 -4.14
CA GLN A 34 -3.98 -5.93 -3.18
C GLN A 34 -2.46 -6.00 -3.27
N MET A 35 -1.76 -5.06 -2.64
CA MET A 35 -0.31 -5.01 -2.57
C MET A 35 0.27 -6.34 -2.07
N LYS A 36 -0.34 -6.89 -1.02
CA LYS A 36 -0.07 -8.18 -0.45
C LYS A 36 -0.14 -9.25 -1.53
N ASP A 37 -1.33 -9.43 -2.10
CA ASP A 37 -1.70 -10.36 -3.17
C ASP A 37 -0.72 -10.34 -4.35
N CYS A 38 -0.32 -9.13 -4.76
CA CYS A 38 0.51 -8.81 -5.92
C CYS A 38 1.78 -9.66 -6.03
N THR A 39 2.26 -9.78 -7.27
CA THR A 39 3.50 -10.45 -7.63
C THR A 39 4.09 -9.80 -8.90
N GLU A 40 3.95 -8.46 -9.02
CA GLU A 40 4.33 -7.67 -10.17
C GLU A 40 5.69 -7.00 -9.90
N ARG A 41 5.68 -5.74 -9.43
CA ARG A 41 6.85 -4.96 -9.09
C ARG A 41 7.26 -5.31 -7.65
N GLN A 42 7.69 -6.56 -7.47
CA GLN A 42 8.11 -7.13 -6.20
C GLN A 42 9.42 -6.48 -5.75
N ALA A 43 9.32 -5.40 -4.96
CA ALA A 43 10.43 -4.68 -4.39
C ALA A 43 9.97 -4.00 -3.11
N ASN A 44 10.80 -4.09 -2.05
CA ASN A 44 10.54 -3.58 -0.70
C ASN A 44 9.11 -3.86 -0.22
N ASN A 1 8.77 -2.49 11.67
CA ASN A 1 8.39 -1.11 11.29
C ASN A 1 7.73 -1.05 9.92
N VAL A 2 7.22 0.12 9.55
CA VAL A 2 6.48 0.37 8.31
C VAL A 2 6.79 1.76 7.78
N LYS A 3 6.41 1.98 6.51
CA LYS A 3 6.44 3.23 5.78
C LYS A 3 5.05 3.31 5.17
N CYS A 4 4.22 4.22 5.70
CA CYS A 4 2.82 4.37 5.33
C CYS A 4 2.59 4.29 3.82
N PHE A 5 1.83 3.28 3.39
CA PHE A 5 1.46 3.04 2.00
C PHE A 5 0.67 4.22 1.43
N ASN A 6 -0.05 4.90 2.34
CA ASN A 6 -0.97 6.01 2.13
C ASN A 6 -0.26 7.36 1.90
N CYS A 7 0.92 7.57 2.51
CA CYS A 7 1.60 8.87 2.46
C CYS A 7 3.13 8.82 2.46
N GLY A 8 3.73 7.74 2.98
CA GLY A 8 5.16 7.48 2.96
C GLY A 8 5.76 7.45 4.36
N LYS A 9 5.36 8.41 5.21
CA LYS A 9 5.89 8.60 6.55
C LYS A 9 5.74 7.34 7.40
N GLU A 10 6.78 6.97 8.15
CA GLU A 10 6.79 5.79 9.00
C GLU A 10 5.96 6.02 10.26
N GLY A 11 6.22 5.18 11.27
CA GLY A 11 5.53 5.19 12.55
C GLY A 11 4.16 4.53 12.47
N HIS A 12 3.32 4.97 11.51
CA HIS A 12 1.94 4.55 11.34
C HIS A 12 1.70 3.81 10.02
N THR A 13 0.53 3.16 9.92
CA THR A 13 0.04 2.47 8.72
C THR A 13 -1.14 3.22 8.12
N ALA A 14 -1.63 2.77 6.96
CA ALA A 14 -2.67 3.47 6.23
C ALA A 14 -3.96 3.64 7.05
N ARG A 15 -4.37 2.63 7.80
CA ARG A 15 -5.58 2.72 8.63
C ARG A 15 -5.50 3.86 9.64
N ASN A 16 -4.29 4.14 10.17
CA ASN A 16 -4.08 5.27 11.07
C ASN A 16 -4.14 6.57 10.26
N CYS A 17 -3.47 6.57 9.10
CA CYS A 17 -3.33 7.75 8.25
C CYS A 17 -4.67 8.18 7.65
N ARG A 18 -5.21 9.32 8.12
CA ARG A 18 -6.41 9.91 7.56
C ARG A 18 -6.03 10.72 6.31
N ALA A 19 -5.55 10.01 5.28
CA ALA A 19 -5.18 10.56 3.98
C ALA A 19 -5.84 9.70 2.90
N PRO A 20 -6.10 10.25 1.70
CA PRO A 20 -6.66 9.48 0.60
C PRO A 20 -5.65 8.43 0.14
N ARG A 21 -6.13 7.21 -0.08
CA ARG A 21 -5.34 6.07 -0.52
C ARG A 21 -5.27 6.02 -2.06
N LYS A 22 -4.72 4.93 -2.59
CA LYS A 22 -4.68 4.66 -4.02
C LYS A 22 -5.94 3.88 -4.42
N LYS A 23 -5.98 3.41 -5.68
CA LYS A 23 -7.14 2.72 -6.22
C LYS A 23 -7.00 1.23 -5.93
N GLY A 24 -6.00 0.60 -6.54
CA GLY A 24 -5.74 -0.82 -6.44
C GLY A 24 -4.46 -1.10 -5.65
N CYS A 25 -3.83 -2.24 -5.93
CA CYS A 25 -2.61 -2.73 -5.29
C CYS A 25 -1.58 -1.63 -5.07
N TRP A 26 -1.12 -1.42 -3.82
CA TRP A 26 -0.14 -0.40 -3.52
C TRP A 26 1.21 -0.67 -4.20
N LYS A 27 1.66 -1.93 -4.25
CA LYS A 27 2.94 -2.29 -4.85
C LYS A 27 2.92 -2.08 -6.36
N CYS A 28 2.26 -2.99 -7.07
CA CYS A 28 2.24 -3.02 -8.53
C CYS A 28 1.30 -1.99 -9.17
N GLY A 29 0.21 -1.60 -8.50
CA GLY A 29 -0.74 -0.60 -9.01
C GLY A 29 -2.09 -1.21 -9.38
N LYS A 30 -2.07 -2.37 -10.05
CA LYS A 30 -3.27 -3.03 -10.56
C LYS A 30 -4.26 -3.36 -9.45
N GLU A 31 -5.54 -3.13 -9.72
CA GLU A 31 -6.62 -3.32 -8.78
C GLU A 31 -7.23 -4.72 -8.90
N GLY A 32 -8.32 -4.93 -8.15
CA GLY A 32 -8.97 -6.22 -8.03
C GLY A 32 -8.20 -7.16 -7.12
N HIS A 33 -7.13 -6.68 -6.47
CA HIS A 33 -6.33 -7.43 -5.51
C HIS A 33 -5.53 -6.46 -4.64
N GLN A 34 -5.21 -6.85 -3.40
CA GLN A 34 -4.43 -6.03 -2.48
C GLN A 34 -2.93 -6.29 -2.66
N MET A 35 -2.09 -5.42 -2.11
CA MET A 35 -0.64 -5.61 -2.11
C MET A 35 -0.28 -6.97 -1.49
N LYS A 36 -1.01 -7.39 -0.46
CA LYS A 36 -0.87 -8.70 0.16
C LYS A 36 -1.06 -9.81 -0.88
N ASP A 37 -2.20 -9.77 -1.58
CA ASP A 37 -2.63 -10.74 -2.56
C ASP A 37 -1.62 -10.87 -3.69
N CYS A 38 -1.40 -9.75 -4.39
CA CYS A 38 -0.59 -9.52 -5.57
C CYS A 38 0.40 -10.63 -5.90
N THR A 39 1.64 -10.38 -5.52
CA THR A 39 2.82 -11.19 -5.80
C THR A 39 2.97 -11.43 -7.31
N GLU A 40 2.46 -10.48 -8.09
CA GLU A 40 2.40 -10.44 -9.55
C GLU A 40 3.76 -10.79 -10.17
N ARG A 41 4.66 -9.80 -10.27
CA ARG A 41 6.03 -10.02 -10.75
C ARG A 41 6.92 -10.37 -9.56
N GLN A 42 6.53 -11.40 -8.79
CA GLN A 42 7.25 -11.88 -7.62
C GLN A 42 7.18 -13.41 -7.55
N ALA A 43 5.99 -13.97 -7.82
CA ALA A 43 5.69 -15.39 -7.72
C ALA A 43 5.75 -15.79 -6.23
N ASN A 44 4.69 -15.42 -5.50
CA ASN A 44 4.57 -15.59 -4.06
C ASN A 44 5.75 -14.94 -3.32
N ASN A 1 9.25 -2.23 11.81
CA ASN A 1 8.76 -0.91 11.38
C ASN A 1 7.97 -0.99 10.07
N VAL A 2 7.42 0.14 9.65
CA VAL A 2 6.59 0.30 8.45
C VAL A 2 6.92 1.60 7.74
N LYS A 3 6.40 1.75 6.52
CA LYS A 3 6.46 2.93 5.68
C LYS A 3 5.10 3.01 5.00
N CYS A 4 4.28 3.95 5.47
CA CYS A 4 2.90 4.15 5.06
C CYS A 4 2.73 4.08 3.54
N PHE A 5 1.90 3.14 3.08
CA PHE A 5 1.57 2.97 1.67
C PHE A 5 0.81 4.20 1.14
N ASN A 6 0.00 4.80 2.02
CA ASN A 6 -0.86 5.94 1.73
C ASN A 6 -0.10 7.29 1.73
N CYS A 7 1.19 7.35 2.07
CA CYS A 7 1.97 8.60 1.95
C CYS A 7 3.48 8.36 1.83
N GLY A 8 4.06 7.43 2.60
CA GLY A 8 5.47 7.09 2.59
C GLY A 8 6.06 7.08 4.00
N LYS A 9 5.68 8.08 4.81
CA LYS A 9 6.23 8.29 6.15
C LYS A 9 6.02 7.08 7.06
N GLU A 10 7.01 6.80 7.89
CA GLU A 10 6.99 5.67 8.82
C GLU A 10 6.19 6.01 10.07
N GLY A 11 6.42 5.19 11.11
CA GLY A 11 5.71 5.22 12.38
C GLY A 11 4.33 4.59 12.24
N HIS A 12 3.53 5.11 11.30
CA HIS A 12 2.15 4.73 11.08
C HIS A 12 1.96 3.92 9.78
N THR A 13 0.73 3.45 9.56
CA THR A 13 0.30 2.69 8.39
C THR A 13 -0.89 3.39 7.73
N ALA A 14 -1.36 2.87 6.59
CA ALA A 14 -2.42 3.45 5.78
C ALA A 14 -3.65 3.86 6.60
N ARG A 15 -4.05 3.02 7.57
CA ARG A 15 -5.20 3.28 8.44
C ARG A 15 -5.04 4.57 9.24
N ASN A 16 -3.89 4.77 9.88
CA ASN A 16 -3.61 5.97 10.67
C ASN A 16 -3.66 7.20 9.77
N CYS A 17 -3.07 7.07 8.58
CA CYS A 17 -2.91 8.16 7.63
C CYS A 17 -4.24 8.75 7.18
N ARG A 18 -4.51 10.00 7.59
CA ARG A 18 -5.67 10.76 7.17
C ARG A 18 -5.40 11.35 5.79
N ALA A 19 -5.36 10.48 4.78
CA ALA A 19 -5.10 10.81 3.38
C ALA A 19 -5.95 9.89 2.49
N PRO A 20 -6.33 10.34 1.28
CA PRO A 20 -7.14 9.54 0.37
C PRO A 20 -6.33 8.35 -0.12
N ARG A 21 -6.86 7.14 0.10
CA ARG A 21 -6.20 5.88 -0.21
C ARG A 21 -6.54 5.42 -1.63
N LYS A 22 -5.92 4.32 -2.06
CA LYS A 22 -6.01 3.78 -3.40
C LYS A 22 -7.17 2.79 -3.56
N LYS A 23 -7.49 2.50 -4.82
CA LYS A 23 -8.48 1.51 -5.22
C LYS A 23 -7.77 0.18 -5.47
N GLY A 24 -6.76 0.19 -6.35
CA GLY A 24 -6.00 -0.99 -6.75
C GLY A 24 -4.74 -1.18 -5.91
N CYS A 25 -3.85 -2.06 -6.40
CA CYS A 25 -2.63 -2.47 -5.72
C CYS A 25 -1.67 -1.32 -5.49
N TRP A 26 -1.23 -1.15 -4.23
CA TRP A 26 -0.22 -0.16 -3.88
C TRP A 26 1.15 -0.47 -4.49
N LYS A 27 1.69 -1.66 -4.20
CA LYS A 27 3.02 -2.09 -4.58
C LYS A 27 3.20 -2.04 -6.09
N CYS A 28 2.58 -2.99 -6.78
CA CYS A 28 2.73 -3.17 -8.20
C CYS A 28 2.01 -2.07 -9.00
N GLY A 29 0.89 -1.55 -8.49
CA GLY A 29 0.15 -0.46 -9.11
C GLY A 29 -1.20 -0.93 -9.65
N LYS A 30 -1.20 -2.06 -10.37
CA LYS A 30 -2.36 -2.62 -11.06
C LYS A 30 -3.54 -2.88 -10.14
N GLU A 31 -4.74 -2.55 -10.62
CA GLU A 31 -5.98 -2.69 -9.87
C GLU A 31 -6.64 -4.05 -10.12
N GLY A 32 -7.84 -4.22 -9.58
CA GLY A 32 -8.57 -5.47 -9.60
C GLY A 32 -8.06 -6.44 -8.53
N HIS A 33 -7.08 -6.02 -7.73
CA HIS A 33 -6.49 -6.78 -6.63
C HIS A 33 -5.71 -5.82 -5.73
N GLN A 34 -5.21 -6.29 -4.57
CA GLN A 34 -4.55 -5.43 -3.59
C GLN A 34 -3.10 -5.88 -3.33
N MET A 35 -2.31 -5.10 -2.60
CA MET A 35 -0.94 -5.46 -2.26
C MET A 35 -0.91 -6.76 -1.45
N LYS A 36 -1.83 -6.89 -0.50
CA LYS A 36 -2.05 -8.09 0.30
C LYS A 36 -2.18 -9.31 -0.62
N ASP A 37 -2.97 -9.17 -1.69
CA ASP A 37 -3.32 -10.19 -2.66
C ASP A 37 -2.15 -10.52 -3.60
N CYS A 38 -1.51 -9.45 -4.09
CA CYS A 38 -0.46 -9.45 -5.08
C CYS A 38 0.89 -10.02 -4.66
N THR A 39 1.59 -10.52 -5.68
CA THR A 39 2.95 -11.02 -5.62
C THR A 39 3.59 -10.96 -7.02
N GLU A 40 3.04 -10.11 -7.92
CA GLU A 40 3.41 -9.96 -9.32
C GLU A 40 4.90 -10.16 -9.58
N ARG A 41 5.69 -9.13 -9.27
CA ARG A 41 7.14 -9.11 -9.46
C ARG A 41 7.88 -9.37 -8.14
N GLN A 42 7.20 -9.98 -7.17
CA GLN A 42 7.70 -10.25 -5.84
C GLN A 42 8.04 -11.74 -5.71
N ALA A 43 7.08 -12.59 -6.09
CA ALA A 43 7.11 -14.05 -6.00
C ALA A 43 6.96 -14.52 -4.55
N ASN A 44 7.94 -14.20 -3.70
CA ASN A 44 7.95 -14.55 -2.29
C ASN A 44 8.88 -13.59 -1.55
N ASN A 1 9.01 -2.82 11.71
CA ASN A 1 8.67 -1.43 11.35
C ASN A 1 8.03 -1.34 9.96
N VAL A 2 7.54 -0.15 9.62
CA VAL A 2 6.87 0.12 8.36
C VAL A 2 7.28 1.48 7.79
N LYS A 3 7.05 1.62 6.48
CA LYS A 3 7.20 2.80 5.64
C LYS A 3 5.84 2.93 4.97
N CYS A 4 5.07 3.94 5.37
CA CYS A 4 3.70 4.16 4.93
C CYS A 4 3.54 4.03 3.42
N PHE A 5 2.60 3.20 2.99
CA PHE A 5 2.35 2.90 1.60
C PHE A 5 1.65 4.10 0.92
N ASN A 6 0.94 4.89 1.73
CA ASN A 6 0.14 6.04 1.36
C ASN A 6 0.91 7.37 1.44
N CYS A 7 2.15 7.41 1.96
CA CYS A 7 2.96 8.63 1.97
C CYS A 7 4.47 8.40 1.98
N GLY A 8 4.96 7.30 2.58
CA GLY A 8 6.38 6.95 2.69
C GLY A 8 6.85 6.98 4.13
N LYS A 9 6.47 8.01 4.89
CA LYS A 9 6.92 8.23 6.25
C LYS A 9 6.70 7.00 7.13
N GLU A 10 7.70 6.71 7.97
CA GLU A 10 7.77 5.55 8.81
C GLU A 10 6.89 5.65 10.04
N GLY A 11 7.04 4.63 10.87
CA GLY A 11 6.33 4.44 12.13
C GLY A 11 4.83 4.15 11.97
N HIS A 12 4.29 4.22 10.74
CA HIS A 12 2.86 4.07 10.51
C HIS A 12 2.52 3.49 9.14
N THR A 13 1.29 3.00 8.99
CA THR A 13 0.77 2.31 7.82
C THR A 13 -0.18 3.22 7.02
N ALA A 14 -0.66 2.74 5.86
CA ALA A 14 -1.61 3.51 5.05
C ALA A 14 -2.90 3.79 5.79
N ARG A 15 -3.43 2.77 6.49
CA ARG A 15 -4.65 2.90 7.28
C ARG A 15 -4.50 3.91 8.41
N ASN A 16 -3.29 4.09 8.95
CA ASN A 16 -3.04 5.13 9.95
C ASN A 16 -3.07 6.49 9.25
N CYS A 17 -2.41 6.56 8.09
CA CYS A 17 -2.22 7.77 7.32
C CYS A 17 -3.54 8.28 6.74
N ARG A 18 -4.10 9.32 7.36
CA ARG A 18 -5.28 10.00 6.86
C ARG A 18 -4.86 10.98 5.77
N ALA A 19 -4.42 10.39 4.64
CA ALA A 19 -4.04 11.03 3.39
C ALA A 19 -4.84 10.31 2.29
N PRO A 20 -5.15 10.97 1.16
CA PRO A 20 -5.95 10.38 0.10
C PRO A 20 -5.20 9.20 -0.52
N ARG A 21 -5.80 8.01 -0.43
CA ARG A 21 -5.21 6.76 -0.89
C ARG A 21 -5.56 6.49 -2.36
N LYS A 22 -4.98 5.42 -2.91
CA LYS A 22 -5.25 4.96 -4.26
C LYS A 22 -6.42 3.97 -4.25
N LYS A 23 -6.73 3.40 -5.41
CA LYS A 23 -7.78 2.40 -5.58
C LYS A 23 -7.17 1.03 -5.34
N GLY A 24 -6.05 0.78 -6.02
CA GLY A 24 -5.34 -0.49 -6.05
C GLY A 24 -3.93 -0.35 -5.48
N CYS A 25 -3.11 -1.36 -5.78
CA CYS A 25 -1.70 -1.54 -5.44
C CYS A 25 -0.97 -0.23 -5.18
N TRP A 26 -0.68 0.06 -3.91
CA TRP A 26 -0.01 1.28 -3.49
C TRP A 26 1.37 1.43 -4.14
N LYS A 27 2.14 0.34 -4.21
CA LYS A 27 3.47 0.38 -4.79
C LYS A 27 3.42 0.48 -6.32
N CYS A 28 3.10 -0.61 -7.01
CA CYS A 28 3.14 -0.63 -8.48
C CYS A 28 2.15 0.35 -9.11
N GLY A 29 0.93 0.47 -8.57
CA GLY A 29 -0.11 1.37 -9.07
C GLY A 29 -1.40 0.64 -9.44
N LYS A 30 -1.29 -0.45 -10.21
CA LYS A 30 -2.42 -1.21 -10.75
C LYS A 30 -3.43 -1.65 -9.70
N GLU A 31 -4.66 -1.89 -10.13
CA GLU A 31 -5.74 -2.41 -9.30
C GLU A 31 -6.06 -3.85 -9.68
N GLY A 32 -7.13 -4.39 -9.10
CA GLY A 32 -7.51 -5.78 -9.25
C GLY A 32 -6.61 -6.71 -8.41
N HIS A 33 -5.69 -6.14 -7.61
CA HIS A 33 -4.79 -6.85 -6.72
C HIS A 33 -4.21 -5.86 -5.70
N GLN A 34 -3.61 -6.35 -4.61
CA GLN A 34 -3.13 -5.49 -3.52
C GLN A 34 -1.60 -5.38 -3.56
N MET A 35 -1.01 -4.42 -2.81
CA MET A 35 0.44 -4.32 -2.70
C MET A 35 1.01 -5.61 -2.11
N LYS A 36 0.35 -6.13 -1.07
CA LYS A 36 0.67 -7.42 -0.45
C LYS A 36 0.79 -8.52 -1.52
N ASP A 37 -0.19 -8.56 -2.43
CA ASP A 37 -0.37 -9.55 -3.47
C ASP A 37 0.69 -9.45 -4.58
N CYS A 38 0.91 -8.22 -5.04
CA CYS A 38 1.77 -7.87 -6.17
C CYS A 38 3.25 -8.25 -6.05
N THR A 39 3.81 -8.54 -7.23
CA THR A 39 5.20 -8.84 -7.48
C THR A 39 5.78 -7.97 -8.62
N GLU A 40 4.93 -7.25 -9.39
CA GLU A 40 5.30 -6.46 -10.57
C GLU A 40 6.58 -5.65 -10.37
N ARG A 41 6.45 -4.47 -9.73
CA ARG A 41 7.58 -3.63 -9.35
C ARG A 41 7.91 -3.89 -7.88
N GLN A 42 7.83 -5.16 -7.47
CA GLN A 42 8.07 -5.64 -6.12
C GLN A 42 8.87 -6.93 -6.22
N ALA A 43 10.08 -6.84 -6.76
CA ALA A 43 10.98 -7.98 -6.94
C ALA A 43 11.42 -8.53 -5.58
N ASN A 44 11.40 -9.86 -5.44
CA ASN A 44 11.77 -10.55 -4.22
C ASN A 44 12.24 -11.95 -4.59
N ASN A 1 8.25 -4.02 11.77
CA ASN A 1 7.98 -2.61 11.43
C ASN A 1 7.11 -2.50 10.19
N VAL A 2 6.50 -1.32 9.98
CA VAL A 2 5.68 -1.02 8.82
C VAL A 2 6.14 0.29 8.17
N LYS A 3 5.71 0.49 6.92
CA LYS A 3 5.92 1.70 6.14
C LYS A 3 4.59 1.99 5.46
N CYS A 4 4.12 3.23 5.59
CA CYS A 4 2.81 3.64 5.11
C CYS A 4 2.63 3.43 3.60
N PHE A 5 1.71 2.54 3.23
CA PHE A 5 1.36 2.24 1.85
C PHE A 5 0.46 3.33 1.24
N ASN A 6 0.28 4.44 1.96
CA ASN A 6 -0.59 5.57 1.67
C ASN A 6 0.21 6.88 1.69
N CYS A 7 1.34 6.95 2.43
CA CYS A 7 2.15 8.16 2.52
C CYS A 7 3.64 7.79 2.60
N GLY A 8 4.01 6.76 3.39
CA GLY A 8 5.40 6.28 3.41
C GLY A 8 6.14 6.60 4.70
N LYS A 9 5.54 7.37 5.60
CA LYS A 9 6.13 7.62 6.89
C LYS A 9 5.92 6.36 7.69
N GLU A 10 7.01 5.88 8.27
CA GLU A 10 7.02 4.64 8.98
C GLU A 10 6.28 4.78 10.29
N GLY A 11 6.40 3.72 11.08
CA GLY A 11 5.67 3.62 12.33
C GLY A 11 4.18 3.32 12.09
N HIS A 12 3.60 3.65 10.92
CA HIS A 12 2.19 3.37 10.70
C HIS A 12 1.93 2.73 9.34
N THR A 13 0.75 2.12 9.25
CA THR A 13 0.19 1.51 8.06
C THR A 13 -0.71 2.53 7.37
N ALA A 14 -1.11 2.20 6.14
CA ALA A 14 -2.00 3.02 5.32
C ALA A 14 -3.28 3.41 6.05
N ARG A 15 -3.90 2.46 6.78
CA ARG A 15 -5.14 2.69 7.50
C ARG A 15 -4.98 3.62 8.71
N ASN A 16 -3.83 3.58 9.41
CA ASN A 16 -3.56 4.52 10.50
C ASN A 16 -3.50 5.93 9.94
N CYS A 17 -2.70 6.08 8.88
CA CYS A 17 -2.37 7.35 8.24
C CYS A 17 -3.54 8.29 8.05
N ARG A 18 -4.70 7.72 7.65
CA ARG A 18 -5.93 8.42 7.37
C ARG A 18 -5.66 9.59 6.41
N ALA A 19 -5.00 9.24 5.29
CA ALA A 19 -4.69 10.10 4.15
C ALA A 19 -5.40 9.53 2.92
N PRO A 20 -5.54 10.29 1.82
CA PRO A 20 -6.14 9.81 0.59
C PRO A 20 -5.27 8.70 -0.02
N ARG A 21 -5.81 7.47 -0.05
CA ARG A 21 -5.14 6.28 -0.57
C ARG A 21 -5.57 6.02 -2.02
N LYS A 22 -5.09 4.90 -2.59
CA LYS A 22 -5.32 4.55 -3.97
C LYS A 22 -6.60 3.72 -4.12
N LYS A 23 -6.92 3.35 -5.36
CA LYS A 23 -8.11 2.58 -5.70
C LYS A 23 -7.73 1.10 -5.62
N GLY A 24 -6.74 0.69 -6.43
CA GLY A 24 -6.23 -0.67 -6.46
C GLY A 24 -4.94 -0.79 -5.65
N CYS A 25 -4.16 -1.82 -5.99
CA CYS A 25 -2.88 -2.21 -5.42
C CYS A 25 -1.98 -1.00 -5.11
N TRP A 26 -1.64 -0.82 -3.83
CA TRP A 26 -0.78 0.25 -3.37
C TRP A 26 0.58 0.25 -4.08
N LYS A 27 1.22 -0.91 -4.21
CA LYS A 27 2.57 -0.97 -4.79
C LYS A 27 2.50 -0.78 -6.29
N CYS A 28 2.09 -1.82 -7.02
CA CYS A 28 2.08 -1.84 -8.46
C CYS A 28 1.12 -0.82 -9.11
N GLY A 29 -0.06 -0.57 -8.50
CA GLY A 29 -1.06 0.36 -9.01
C GLY A 29 -2.37 -0.34 -9.39
N LYS A 30 -2.26 -1.44 -10.16
CA LYS A 30 -3.36 -2.20 -10.74
C LYS A 30 -4.39 -2.61 -9.69
N GLU A 31 -5.65 -2.70 -10.08
CA GLU A 31 -6.78 -2.97 -9.20
C GLU A 31 -7.38 -4.34 -9.46
N GLY A 32 -8.45 -4.64 -8.71
CA GLY A 32 -9.10 -5.93 -8.71
C GLY A 32 -8.44 -6.83 -7.66
N HIS A 33 -7.12 -6.71 -7.51
CA HIS A 33 -6.31 -7.38 -6.50
C HIS A 33 -5.71 -6.35 -5.53
N GLN A 34 -5.23 -6.80 -4.37
CA GLN A 34 -4.66 -5.94 -3.32
C GLN A 34 -3.13 -6.05 -3.33
N MET A 35 -2.41 -5.15 -2.64
CA MET A 35 -0.96 -5.27 -2.52
C MET A 35 -0.60 -6.61 -1.87
N LYS A 36 -1.38 -6.99 -0.84
CA LYS A 36 -1.29 -8.28 -0.16
C LYS A 36 -1.29 -9.42 -1.18
N ASP A 37 -2.25 -9.37 -2.11
CA ASP A 37 -2.50 -10.34 -3.17
C ASP A 37 -1.39 -10.34 -4.22
N CYS A 38 -0.96 -9.15 -4.62
CA CYS A 38 0.00 -8.88 -5.68
C CYS A 38 1.30 -9.65 -5.49
N THR A 39 1.93 -9.94 -6.62
CA THR A 39 3.17 -10.69 -6.75
C THR A 39 3.82 -10.35 -8.10
N GLU A 40 3.71 -9.07 -8.50
CA GLU A 40 4.26 -8.54 -9.73
C GLU A 40 5.73 -8.20 -9.47
N ARG A 41 6.08 -6.91 -9.42
CA ARG A 41 7.40 -6.42 -9.07
C ARG A 41 7.35 -5.93 -7.62
N GLN A 42 7.11 -6.86 -6.69
CA GLN A 42 6.92 -6.53 -5.28
C GLN A 42 8.26 -6.47 -4.55
N ALA A 43 9.13 -5.54 -4.98
CA ALA A 43 10.40 -5.26 -4.34
C ALA A 43 10.14 -4.42 -3.10
N ASN A 44 9.65 -5.06 -2.03
CA ASN A 44 9.22 -4.45 -0.78
C ASN A 44 8.11 -3.44 -1.06
N ASN A 1 8.59 -2.94 11.69
CA ASN A 1 8.38 -1.52 11.35
C ASN A 1 7.72 -1.37 9.98
N VAL A 2 7.28 -0.14 9.64
CA VAL A 2 6.52 0.13 8.43
C VAL A 2 6.85 1.48 7.79
N LYS A 3 6.36 1.63 6.56
CA LYS A 3 6.36 2.80 5.69
C LYS A 3 4.98 2.81 5.06
N CYS A 4 4.13 3.75 5.51
CA CYS A 4 2.74 3.88 5.13
C CYS A 4 2.51 3.70 3.63
N PHE A 5 1.68 2.73 3.27
CA PHE A 5 1.37 2.34 1.90
C PHE A 5 0.52 3.42 1.22
N ASN A 6 -0.26 4.14 2.03
CA ASN A 6 -1.23 5.14 1.63
C ASN A 6 -0.58 6.51 1.36
N CYS A 7 0.53 6.85 2.03
CA CYS A 7 1.16 8.18 1.92
C CYS A 7 2.68 8.16 1.78
N GLY A 8 3.38 7.15 2.32
CA GLY A 8 4.83 7.01 2.23
C GLY A 8 5.56 7.79 3.32
N LYS A 9 5.16 7.53 4.57
CA LYS A 9 5.77 8.05 5.78
C LYS A 9 5.82 6.91 6.80
N GLU A 10 6.95 6.83 7.49
CA GLU A 10 7.29 5.79 8.42
C GLU A 10 6.58 5.96 9.76
N GLY A 11 6.74 4.94 10.62
CA GLY A 11 6.13 4.86 11.92
C GLY A 11 4.76 4.20 11.83
N HIS A 12 3.85 4.79 11.04
CA HIS A 12 2.47 4.35 10.92
C HIS A 12 2.19 3.57 9.63
N THR A 13 1.00 2.94 9.59
CA THR A 13 0.45 2.17 8.48
C THR A 13 -0.71 2.95 7.85
N ALA A 14 -1.21 2.48 6.70
CA ALA A 14 -2.36 3.07 6.03
C ALA A 14 -3.53 3.31 7.00
N ARG A 15 -3.82 2.35 7.87
CA ARG A 15 -4.94 2.41 8.80
C ARG A 15 -4.85 3.61 9.76
N ASN A 16 -3.65 3.89 10.28
CA ASN A 16 -3.43 5.08 11.11
C ASN A 16 -3.67 6.34 10.25
N CYS A 17 -3.10 6.32 9.04
CA CYS A 17 -3.10 7.44 8.12
C CYS A 17 -4.50 8.00 7.83
N ARG A 18 -4.75 9.24 8.25
CA ARG A 18 -5.98 9.96 7.96
C ARG A 18 -5.82 10.58 6.56
N ALA A 19 -5.74 9.74 5.54
CA ALA A 19 -5.56 10.13 4.14
C ALA A 19 -6.39 9.19 3.27
N PRO A 20 -6.90 9.64 2.11
CA PRO A 20 -7.70 8.82 1.22
C PRO A 20 -6.81 7.79 0.52
N ARG A 21 -7.27 6.53 0.50
CA ARG A 21 -6.54 5.43 -0.12
C ARG A 21 -6.91 5.30 -1.59
N LYS A 22 -6.23 4.38 -2.29
CA LYS A 22 -6.32 4.17 -3.72
C LYS A 22 -7.43 3.16 -4.03
N LYS A 23 -7.50 2.68 -5.29
CA LYS A 23 -8.49 1.68 -5.68
C LYS A 23 -7.90 0.29 -5.44
N GLY A 24 -6.84 -0.04 -6.19
CA GLY A 24 -6.21 -1.34 -6.20
C GLY A 24 -4.89 -1.31 -5.44
N CYS A 25 -4.07 -2.34 -5.69
CA CYS A 25 -2.75 -2.59 -5.13
C CYS A 25 -1.95 -1.30 -4.92
N TRP A 26 -1.68 -0.94 -3.66
CA TRP A 26 -0.99 0.30 -3.33
C TRP A 26 0.35 0.43 -4.07
N LYS A 27 1.20 -0.60 -4.00
CA LYS A 27 2.53 -0.57 -4.58
C LYS A 27 2.47 -0.75 -6.10
N CYS A 28 2.19 -1.97 -6.56
CA CYS A 28 2.21 -2.32 -7.97
C CYS A 28 1.19 -1.55 -8.82
N GLY A 29 0.05 -1.15 -8.25
CA GLY A 29 -0.93 -0.32 -8.93
C GLY A 29 -2.10 -1.14 -9.46
N LYS A 30 -1.82 -2.31 -10.02
CA LYS A 30 -2.80 -3.18 -10.67
C LYS A 30 -3.90 -3.56 -9.68
N GLU A 31 -5.15 -3.43 -10.13
CA GLU A 31 -6.33 -3.66 -9.31
C GLU A 31 -6.77 -5.12 -9.38
N GLY A 32 -7.92 -5.41 -8.77
CA GLY A 32 -8.44 -6.76 -8.64
C GLY A 32 -7.87 -7.45 -7.41
N HIS A 33 -6.64 -7.11 -7.03
CA HIS A 33 -5.92 -7.63 -5.87
C HIS A 33 -5.33 -6.48 -5.05
N GLN A 34 -4.89 -6.76 -3.82
CA GLN A 34 -4.31 -5.76 -2.92
C GLN A 34 -2.80 -5.96 -2.79
N MET A 35 -2.09 -5.02 -2.15
CA MET A 35 -0.63 -5.07 -2.05
C MET A 35 -0.15 -6.34 -1.35
N LYS A 36 -0.83 -6.71 -0.25
CA LYS A 36 -0.59 -7.95 0.47
C LYS A 36 -0.71 -9.16 -0.48
N ASP A 37 -1.85 -9.22 -1.19
CA ASP A 37 -2.21 -10.25 -2.15
C ASP A 37 -1.17 -10.40 -3.27
N CYS A 38 -0.69 -9.26 -3.78
CA CYS A 38 0.21 -9.09 -4.91
C CYS A 38 1.42 -10.03 -4.90
N THR A 39 1.94 -10.25 -6.11
CA THR A 39 3.15 -11.01 -6.41
C THR A 39 4.18 -10.11 -7.12
N GLU A 40 3.70 -9.06 -7.82
CA GLU A 40 4.48 -8.16 -8.65
C GLU A 40 5.48 -7.35 -7.80
N ARG A 41 4.97 -6.32 -7.11
CA ARG A 41 5.68 -5.47 -6.17
C ARG A 41 5.02 -5.73 -4.82
N GLN A 42 5.53 -6.76 -4.13
CA GLN A 42 5.09 -7.22 -2.82
C GLN A 42 5.42 -6.18 -1.75
N ALA A 43 5.36 -6.55 -0.47
CA ALA A 43 5.60 -5.66 0.67
C ALA A 43 7.09 -5.41 0.89
N ASN A 44 7.75 -4.81 -0.12
CA ASN A 44 9.16 -4.46 -0.15
C ASN A 44 10.04 -5.68 0.21
N ASN A 1 8.27 -1.03 13.52
CA ASN A 1 8.67 -0.31 12.30
C ASN A 1 7.78 -0.72 11.12
N VAL A 2 7.46 0.23 10.24
CA VAL A 2 6.55 0.07 9.11
C VAL A 2 6.69 1.31 8.22
N LYS A 3 6.16 1.25 6.99
CA LYS A 3 6.09 2.37 6.07
C LYS A 3 4.66 2.46 5.55
N CYS A 4 4.04 3.65 5.67
CA CYS A 4 2.68 3.88 5.24
C CYS A 4 2.56 3.64 3.73
N PHE A 5 1.61 2.79 3.34
CA PHE A 5 1.36 2.44 1.95
C PHE A 5 0.60 3.57 1.24
N ASN A 6 -0.12 4.38 2.02
CA ASN A 6 -0.98 5.48 1.59
C ASN A 6 -0.23 6.82 1.50
N CYS A 7 1.02 6.94 2.00
CA CYS A 7 1.80 8.17 1.89
C CYS A 7 3.31 7.97 1.86
N GLY A 8 3.84 6.89 2.46
CA GLY A 8 5.26 6.56 2.49
C GLY A 8 5.84 6.69 3.89
N LYS A 9 5.47 7.76 4.61
CA LYS A 9 5.99 8.05 5.94
C LYS A 9 5.83 6.87 6.89
N GLU A 10 6.88 6.61 7.66
CA GLU A 10 6.94 5.52 8.61
C GLU A 10 6.16 5.86 9.88
N GLY A 11 6.43 5.10 10.93
CA GLY A 11 5.72 5.18 12.21
C GLY A 11 4.33 4.55 12.13
N HIS A 12 3.53 4.93 11.13
CA HIS A 12 2.13 4.55 10.94
C HIS A 12 1.87 3.79 9.63
N THR A 13 0.69 3.13 9.55
CA THR A 13 0.23 2.35 8.40
C THR A 13 -0.81 3.13 7.58
N ALA A 14 -1.20 2.61 6.41
CA ALA A 14 -2.21 3.22 5.56
C ALA A 14 -3.51 3.47 6.31
N ARG A 15 -3.92 2.48 7.12
CA ARG A 15 -5.15 2.54 7.89
C ARG A 15 -5.18 3.70 8.86
N ASN A 16 -4.03 4.00 9.50
CA ASN A 16 -3.90 5.17 10.37
C ASN A 16 -4.00 6.47 9.55
N CYS A 17 -3.25 6.50 8.45
CA CYS A 17 -3.10 7.68 7.60
C CYS A 17 -4.43 8.30 7.20
N ARG A 18 -4.67 9.54 7.64
CA ARG A 18 -5.88 10.28 7.32
C ARG A 18 -5.68 10.97 5.96
N ALA A 19 -5.43 10.16 4.93
CA ALA A 19 -5.12 10.57 3.57
C ALA A 19 -5.99 9.76 2.59
N PRO A 20 -6.35 10.30 1.42
CA PRO A 20 -7.18 9.61 0.45
C PRO A 20 -6.48 8.36 -0.07
N ARG A 21 -7.15 7.22 0.06
CA ARG A 21 -6.61 5.90 -0.28
C ARG A 21 -6.93 5.56 -1.73
N LYS A 22 -6.27 4.49 -2.21
CA LYS A 22 -6.36 3.98 -3.54
C LYS A 22 -7.50 2.95 -3.60
N LYS A 23 -7.85 2.50 -4.82
CA LYS A 23 -8.82 1.46 -5.05
C LYS A 23 -8.11 0.11 -5.06
N GLY A 24 -7.06 -0.01 -5.89
CA GLY A 24 -6.30 -1.22 -6.07
C GLY A 24 -5.00 -1.20 -5.26
N CYS A 25 -4.12 -2.15 -5.58
CA CYS A 25 -2.82 -2.41 -4.97
C CYS A 25 -2.04 -1.13 -4.69
N TRP A 26 -1.72 -0.85 -3.43
CA TRP A 26 -1.03 0.38 -3.05
C TRP A 26 0.37 0.48 -3.68
N LYS A 27 1.14 -0.61 -3.73
CA LYS A 27 2.44 -0.60 -4.36
C LYS A 27 2.31 -0.53 -5.89
N CYS A 28 2.00 -1.67 -6.52
CA CYS A 28 1.95 -1.84 -7.96
C CYS A 28 0.89 -1.00 -8.68
N GLY A 29 -0.23 -0.66 -8.03
CA GLY A 29 -1.26 0.21 -8.58
C GLY A 29 -2.48 -0.60 -9.03
N LYS A 30 -2.22 -1.71 -9.73
CA LYS A 30 -3.24 -2.54 -10.35
C LYS A 30 -4.22 -3.09 -9.32
N GLU A 31 -5.49 -3.14 -9.69
CA GLU A 31 -6.58 -3.54 -8.83
C GLU A 31 -6.91 -5.03 -9.02
N GLY A 32 -8.05 -5.45 -8.46
CA GLY A 32 -8.47 -6.84 -8.45
C GLY A 32 -7.64 -7.70 -7.47
N HIS A 33 -6.75 -7.07 -6.69
CA HIS A 33 -5.91 -7.72 -5.69
C HIS A 33 -5.32 -6.66 -4.77
N GLN A 34 -4.79 -7.06 -3.60
CA GLN A 34 -4.26 -6.14 -2.60
C GLN A 34 -2.72 -6.14 -2.62
N MET A 35 -2.08 -5.18 -1.95
CA MET A 35 -0.63 -5.11 -1.94
C MET A 35 0.00 -6.38 -1.35
N LYS A 36 -0.57 -6.89 -0.25
CA LYS A 36 -0.16 -8.15 0.34
C LYS A 36 -0.27 -9.29 -0.69
N ASP A 37 -1.40 -9.37 -1.40
CA ASP A 37 -1.70 -10.37 -2.41
C ASP A 37 -0.66 -10.34 -3.54
N CYS A 38 -0.32 -9.13 -3.99
CA CYS A 38 0.56 -8.86 -5.11
C CYS A 38 1.93 -9.51 -4.97
N THR A 39 2.54 -9.76 -6.12
CA THR A 39 3.90 -10.28 -6.26
C THR A 39 4.48 -9.81 -7.60
N GLU A 40 4.21 -8.54 -7.94
CA GLU A 40 4.74 -7.86 -9.10
C GLU A 40 6.20 -7.48 -8.80
N ARG A 41 6.39 -6.37 -8.07
CA ARG A 41 7.67 -5.88 -7.61
C ARG A 41 7.47 -5.32 -6.19
N GLN A 42 7.57 -6.20 -5.19
CA GLN A 42 7.35 -5.84 -3.79
C GLN A 42 8.45 -4.88 -3.33
N ALA A 43 9.70 -5.35 -3.29
CA ALA A 43 10.89 -4.60 -2.90
C ALA A 43 10.89 -4.24 -1.41
N ASN A 44 10.08 -3.23 -1.03
CA ASN A 44 10.03 -2.70 0.33
C ASN A 44 8.75 -1.88 0.48
N ASN A 1 9.07 -2.64 10.69
CA ASN A 1 8.90 -1.38 9.95
C ASN A 1 7.71 -1.45 9.00
N VAL A 2 7.10 -0.30 8.71
CA VAL A 2 5.89 -0.18 7.92
C VAL A 2 5.95 1.04 7.02
N LYS A 3 6.57 0.89 5.85
CA LYS A 3 6.66 1.96 4.87
C LYS A 3 5.25 2.27 4.37
N CYS A 4 4.60 3.24 5.04
CA CYS A 4 3.22 3.64 4.85
C CYS A 4 2.82 3.65 3.38
N PHE A 5 1.97 2.70 3.00
CA PHE A 5 1.49 2.51 1.65
C PHE A 5 0.63 3.71 1.19
N ASN A 6 0.14 4.51 2.15
CA ASN A 6 -0.65 5.73 1.97
C ASN A 6 0.23 6.98 1.78
N CYS A 7 1.49 7.00 2.24
CA CYS A 7 2.34 8.20 2.15
C CYS A 7 3.84 7.90 2.08
N GLY A 8 4.36 6.96 2.88
CA GLY A 8 5.75 6.50 2.84
C GLY A 8 6.37 6.18 4.21
N LYS A 9 6.02 6.91 5.27
CA LYS A 9 6.64 6.77 6.59
C LYS A 9 6.60 5.35 7.18
N GLU A 10 7.80 4.81 7.50
CA GLU A 10 8.12 3.54 8.17
C GLU A 10 7.53 3.31 9.54
N GLY A 11 7.20 4.44 10.13
CA GLY A 11 6.70 4.72 11.45
C GLY A 11 5.27 4.25 11.66
N HIS A 12 4.45 4.29 10.60
CA HIS A 12 3.03 3.97 10.69
C HIS A 12 2.51 3.32 9.41
N THR A 13 1.34 2.68 9.48
CA THR A 13 0.74 1.94 8.37
C THR A 13 -0.23 2.82 7.60
N ALA A 14 -0.61 2.39 6.40
CA ALA A 14 -1.62 3.06 5.60
C ALA A 14 -2.92 3.25 6.38
N ARG A 15 -3.27 2.30 7.26
CA ARG A 15 -4.45 2.42 8.09
C ARG A 15 -4.30 3.55 9.11
N ASN A 16 -3.17 3.64 9.82
CA ASN A 16 -2.91 4.74 10.74
C ASN A 16 -3.02 6.09 10.02
N CYS A 17 -2.33 6.18 8.88
CA CYS A 17 -2.29 7.37 8.04
C CYS A 17 -3.69 7.75 7.60
N ARG A 18 -4.17 8.94 8.00
CA ARG A 18 -5.47 9.45 7.59
C ARG A 18 -5.28 10.46 6.46
N ALA A 19 -4.55 10.01 5.42
CA ALA A 19 -4.31 10.73 4.18
C ALA A 19 -5.14 10.04 3.08
N PRO A 20 -5.39 10.73 1.95
CA PRO A 20 -6.15 10.17 0.84
C PRO A 20 -5.46 8.90 0.31
N ARG A 21 -6.16 7.77 0.39
CA ARG A 21 -5.63 6.47 0.03
C ARG A 21 -6.04 6.06 -1.38
N LYS A 22 -5.60 4.88 -1.81
CA LYS A 22 -5.75 4.31 -3.13
C LYS A 22 -7.04 3.48 -3.19
N LYS A 23 -7.51 3.19 -4.40
CA LYS A 23 -8.65 2.33 -4.64
C LYS A 23 -8.16 0.89 -4.78
N GLY A 24 -7.30 0.63 -5.78
CA GLY A 24 -6.74 -0.68 -6.05
C GLY A 24 -5.40 -0.87 -5.34
N CYS A 25 -4.55 -1.75 -5.89
CA CYS A 25 -3.26 -2.13 -5.33
C CYS A 25 -2.37 -0.90 -5.08
N TRP A 26 -1.84 -0.77 -3.86
CA TRP A 26 -0.97 0.35 -3.49
C TRP A 26 0.30 0.39 -4.34
N LYS A 27 1.10 -0.66 -4.31
CA LYS A 27 2.40 -0.69 -4.98
C LYS A 27 2.22 -0.70 -6.50
N CYS A 28 1.73 -1.83 -7.04
CA CYS A 28 1.61 -2.07 -8.47
C CYS A 28 0.58 -1.16 -9.15
N GLY A 29 -0.48 -0.73 -8.43
CA GLY A 29 -1.46 0.23 -8.94
C GLY A 29 -2.74 -0.47 -9.36
N LYS A 30 -2.60 -1.59 -10.07
CA LYS A 30 -3.70 -2.35 -10.67
C LYS A 30 -4.70 -2.80 -9.62
N GLU A 31 -5.98 -2.66 -9.95
CA GLU A 31 -7.08 -2.96 -9.05
C GLU A 31 -7.52 -4.43 -9.18
N GLY A 32 -8.65 -4.76 -8.56
CA GLY A 32 -9.18 -6.11 -8.49
C GLY A 32 -8.41 -7.01 -7.52
N HIS A 33 -7.44 -6.46 -6.77
CA HIS A 33 -6.65 -7.19 -5.79
C HIS A 33 -5.93 -6.18 -4.89
N GLN A 34 -5.41 -6.63 -3.74
CA GLN A 34 -4.73 -5.78 -2.77
C GLN A 34 -3.21 -5.95 -2.90
N MET A 35 -2.41 -5.02 -2.37
CA MET A 35 -0.95 -5.11 -2.44
C MET A 35 -0.43 -6.42 -1.89
N LYS A 36 -1.00 -6.87 -0.77
CA LYS A 36 -0.71 -8.16 -0.16
C LYS A 36 -0.96 -9.30 -1.17
N ASP A 37 -2.14 -9.28 -1.81
CA ASP A 37 -2.63 -10.27 -2.77
C ASP A 37 -1.77 -10.34 -4.04
N CYS A 38 -1.44 -9.16 -4.57
CA CYS A 38 -0.75 -8.84 -5.81
C CYS A 38 0.12 -9.94 -6.40
N THR A 39 1.31 -10.04 -5.86
CA THR A 39 2.43 -10.90 -6.21
C THR A 39 2.85 -10.73 -7.66
N GLU A 40 2.83 -9.46 -8.09
CA GLU A 40 3.29 -9.02 -9.40
C GLU A 40 4.81 -8.93 -9.31
N ARG A 41 5.31 -7.84 -8.73
CA ARG A 41 6.72 -7.59 -8.45
C ARG A 41 6.79 -6.82 -7.13
N GLN A 42 6.56 -7.53 -6.02
CA GLN A 42 6.58 -6.96 -4.68
C GLN A 42 8.02 -6.84 -4.16
N ALA A 43 8.83 -6.05 -4.87
CA ALA A 43 10.19 -5.72 -4.48
C ALA A 43 10.12 -4.63 -3.40
N ASN A 44 9.84 -5.06 -2.17
CA ASN A 44 9.61 -4.22 -1.00
C ASN A 44 8.37 -3.37 -1.20
N ASN A 1 9.90 -0.27 12.55
CA ASN A 1 8.55 0.26 12.32
C ASN A 1 8.04 -0.06 10.92
N VAL A 2 6.70 0.00 10.77
CA VAL A 2 5.96 -0.30 9.57
C VAL A 2 6.04 0.88 8.58
N LYS A 3 5.61 0.63 7.34
CA LYS A 3 5.46 1.59 6.25
C LYS A 3 3.98 1.73 5.94
N CYS A 4 3.46 2.97 5.93
CA CYS A 4 2.09 3.19 5.53
C CYS A 4 1.96 2.92 4.04
N PHE A 5 0.95 2.12 3.66
CA PHE A 5 0.77 1.69 2.29
C PHE A 5 -0.03 2.72 1.48
N ASN A 6 -0.89 3.47 2.17
CA ASN A 6 -1.70 4.54 1.63
C ASN A 6 -0.83 5.73 1.18
N CYS A 7 -0.03 6.28 2.10
CA CYS A 7 0.77 7.48 1.92
C CYS A 7 2.29 7.23 1.81
N GLY A 8 2.81 6.15 2.42
CA GLY A 8 4.23 5.79 2.40
C GLY A 8 4.87 5.97 3.77
N LYS A 9 4.62 7.13 4.41
CA LYS A 9 5.24 7.52 5.67
C LYS A 9 5.16 6.45 6.74
N GLU A 10 6.33 6.10 7.26
CA GLU A 10 6.53 5.04 8.23
C GLU A 10 5.98 5.42 9.60
N GLY A 11 6.06 4.47 10.54
CA GLY A 11 5.57 4.62 11.89
C GLY A 11 4.16 4.05 12.03
N HIS A 12 3.28 4.35 11.06
CA HIS A 12 1.87 4.00 11.07
C HIS A 12 1.47 3.21 9.82
N THR A 13 0.32 2.53 9.88
CA THR A 13 -0.23 1.69 8.81
C THR A 13 -1.25 2.47 7.98
N ALA A 14 -1.66 1.91 6.84
CA ALA A 14 -2.71 2.47 6.00
C ALA A 14 -4.02 2.63 6.79
N ARG A 15 -4.35 1.65 7.65
CA ARG A 15 -5.52 1.70 8.50
C ARG A 15 -5.50 2.87 9.50
N ASN A 16 -4.31 3.24 10.00
CA ASN A 16 -4.16 4.41 10.86
C ASN A 16 -4.29 5.71 10.07
N CYS A 17 -3.61 5.74 8.92
CA CYS A 17 -3.47 6.91 8.07
C CYS A 17 -4.78 7.64 7.76
N ARG A 18 -4.91 8.85 8.34
CA ARG A 18 -6.02 9.74 8.08
C ARG A 18 -5.75 10.51 6.78
N ALA A 19 -5.70 9.77 5.66
CA ALA A 19 -5.55 10.30 4.31
C ALA A 19 -6.40 9.45 3.36
N PRO A 20 -6.78 9.99 2.19
CA PRO A 20 -7.51 9.25 1.18
C PRO A 20 -6.66 8.08 0.68
N ARG A 21 -7.19 6.85 0.69
CA ARG A 21 -6.44 5.66 0.29
C ARG A 21 -6.59 5.43 -1.22
N LYS A 22 -6.00 4.33 -1.71
CA LYS A 22 -5.91 4.00 -3.11
C LYS A 22 -7.11 3.18 -3.58
N LYS A 23 -7.20 2.99 -4.90
CA LYS A 23 -8.23 2.19 -5.53
C LYS A 23 -7.70 0.75 -5.60
N GLY A 24 -6.64 0.55 -6.39
CA GLY A 24 -6.03 -0.74 -6.62
C GLY A 24 -4.80 -0.94 -5.72
N CYS A 25 -3.85 -1.74 -6.21
CA CYS A 25 -2.65 -2.17 -5.52
C CYS A 25 -1.83 -1.00 -4.98
N TRP A 26 -1.67 -0.90 -3.65
CA TRP A 26 -0.83 0.12 -3.02
C TRP A 26 0.59 0.16 -3.59
N LYS A 27 1.19 -1.00 -3.86
CA LYS A 27 2.56 -1.11 -4.31
C LYS A 27 2.69 -0.73 -5.78
N CYS A 28 2.33 -1.64 -6.68
CA CYS A 28 2.51 -1.47 -8.11
C CYS A 28 1.52 -0.48 -8.74
N GLY A 29 0.37 -0.24 -8.10
CA GLY A 29 -0.62 0.73 -8.56
C GLY A 29 -1.83 0.03 -9.17
N LYS A 30 -1.56 -0.96 -10.04
CA LYS A 30 -2.55 -1.68 -10.83
C LYS A 30 -3.67 -2.23 -9.98
N GLU A 31 -4.91 -2.05 -10.44
CA GLU A 31 -6.10 -2.47 -9.72
C GLU A 31 -6.54 -3.87 -10.12
N GLY A 32 -7.67 -4.29 -9.56
CA GLY A 32 -8.20 -5.63 -9.72
C GLY A 32 -7.48 -6.63 -8.80
N HIS A 33 -6.49 -6.17 -8.02
CA HIS A 33 -5.79 -6.95 -7.02
C HIS A 33 -5.19 -5.99 -5.97
N GLN A 34 -4.85 -6.50 -4.79
CA GLN A 34 -4.29 -5.70 -3.70
C GLN A 34 -2.77 -5.87 -3.64
N MET A 35 -2.08 -5.07 -2.84
CA MET A 35 -0.64 -5.20 -2.62
C MET A 35 -0.32 -6.58 -2.05
N LYS A 36 -1.13 -7.01 -1.08
CA LYS A 36 -1.06 -8.33 -0.48
C LYS A 36 -1.11 -9.42 -1.57
N ASP A 37 -2.02 -9.25 -2.53
CA ASP A 37 -2.31 -10.16 -3.63
C ASP A 37 -1.21 -10.18 -4.69
N CYS A 38 -0.69 -8.99 -5.03
CA CYS A 38 0.28 -8.70 -6.09
C CYS A 38 1.42 -9.72 -6.17
N THR A 39 1.89 -9.91 -7.40
CA THR A 39 2.89 -10.89 -7.80
C THR A 39 4.01 -10.26 -8.64
N GLU A 40 3.87 -8.99 -9.02
CA GLU A 40 4.75 -8.24 -9.91
C GLU A 40 6.23 -8.41 -9.53
N ARG A 41 6.69 -7.64 -8.54
CA ARG A 41 8.03 -7.72 -7.98
C ARG A 41 7.87 -7.68 -6.46
N GLN A 42 7.32 -8.78 -5.91
CA GLN A 42 6.96 -8.95 -4.51
C GLN A 42 8.04 -8.42 -3.53
N ALA A 43 7.70 -7.33 -2.84
CA ALA A 43 8.51 -6.70 -1.81
C ALA A 43 7.61 -5.69 -1.09
N ASN A 44 7.21 -6.03 0.14
CA ASN A 44 6.27 -5.23 0.93
C ASN A 44 6.87 -3.88 1.29
N ASN A 1 9.49 -0.41 13.60
CA ASN A 1 9.17 0.61 12.58
C ASN A 1 8.24 0.06 11.51
N VAL A 2 7.68 0.96 10.69
CA VAL A 2 6.79 0.66 9.58
C VAL A 2 6.80 1.88 8.66
N LYS A 3 6.28 1.73 7.43
CA LYS A 3 6.09 2.80 6.47
C LYS A 3 4.67 2.74 5.89
N CYS A 4 3.96 3.86 6.00
CA CYS A 4 2.62 4.01 5.52
C CYS A 4 2.58 3.89 4.00
N PHE A 5 1.60 3.14 3.47
CA PHE A 5 1.38 2.99 2.04
C PHE A 5 0.54 4.17 1.51
N ASN A 6 -0.40 4.62 2.34
CA ASN A 6 -1.29 5.75 2.09
C ASN A 6 -0.54 7.09 1.93
N CYS A 7 0.72 7.20 2.41
CA CYS A 7 1.46 8.46 2.33
C CYS A 7 3.00 8.34 2.41
N GLY A 8 3.56 7.21 2.86
CA GLY A 8 5.01 6.97 2.88
C GLY A 8 5.61 7.16 4.27
N LYS A 9 5.10 8.13 5.03
CA LYS A 9 5.65 8.49 6.33
C LYS A 9 5.61 7.31 7.31
N GLU A 10 6.70 7.15 8.06
CA GLU A 10 6.81 6.12 9.08
C GLU A 10 6.02 6.48 10.34
N GLY A 11 6.08 5.59 11.33
CA GLY A 11 5.41 5.76 12.60
C GLY A 11 4.04 5.09 12.60
N HIS A 12 3.26 5.29 11.53
CA HIS A 12 1.90 4.78 11.38
C HIS A 12 1.74 3.96 10.09
N THR A 13 0.66 3.18 10.01
CA THR A 13 0.29 2.39 8.84
C THR A 13 -0.82 3.10 8.06
N ALA A 14 -1.06 2.64 6.82
CA ALA A 14 -2.12 3.13 5.97
C ALA A 14 -3.48 3.22 6.68
N ARG A 15 -3.80 2.20 7.50
CA ARG A 15 -5.02 2.15 8.26
C ARG A 15 -5.18 3.31 9.24
N ASN A 16 -4.09 3.68 9.94
CA ASN A 16 -4.08 4.83 10.83
C ASN A 16 -4.11 6.14 10.06
N CYS A 17 -3.30 6.22 8.99
CA CYS A 17 -3.10 7.42 8.19
C CYS A 17 -4.41 8.08 7.77
N ARG A 18 -4.58 9.34 8.18
CA ARG A 18 -5.74 10.13 7.81
C ARG A 18 -5.44 10.85 6.49
N ALA A 19 -5.40 10.09 5.39
CA ALA A 19 -5.16 10.60 4.04
C ALA A 19 -5.96 9.79 3.02
N PRO A 20 -6.21 10.34 1.81
CA PRO A 20 -6.88 9.63 0.73
C PRO A 20 -5.99 8.49 0.22
N ARG A 21 -6.51 7.26 0.27
CA ARG A 21 -5.79 6.07 -0.18
C ARG A 21 -6.04 5.80 -1.66
N LYS A 22 -5.28 4.84 -2.21
CA LYS A 22 -5.43 4.33 -3.55
C LYS A 22 -6.41 3.16 -3.43
N LYS A 23 -7.23 2.95 -4.47
CA LYS A 23 -8.29 1.95 -4.45
C LYS A 23 -7.80 0.59 -4.97
N GLY A 24 -6.84 0.58 -5.90
CA GLY A 24 -6.21 -0.65 -6.38
C GLY A 24 -5.04 -1.07 -5.47
N CYS A 25 -4.14 -1.92 -5.99
CA CYS A 25 -2.99 -2.43 -5.25
C CYS A 25 -2.05 -1.30 -4.87
N TRP A 26 -1.75 -1.16 -3.59
CA TRP A 26 -0.84 -0.12 -3.11
C TRP A 26 0.56 -0.27 -3.68
N LYS A 27 1.18 -1.43 -3.43
CA LYS A 27 2.56 -1.73 -3.78
C LYS A 27 2.78 -1.68 -5.29
N CYS A 28 2.20 -2.65 -6.00
CA CYS A 28 2.43 -2.79 -7.43
C CYS A 28 1.67 -1.76 -8.26
N GLY A 29 0.52 -1.26 -7.77
CA GLY A 29 -0.23 -0.20 -8.44
C GLY A 29 -1.48 -0.74 -9.13
N LYS A 30 -1.36 -1.89 -9.81
CA LYS A 30 -2.43 -2.50 -10.60
C LYS A 30 -3.66 -2.72 -9.74
N GLU A 31 -4.83 -2.37 -10.28
CA GLU A 31 -6.09 -2.47 -9.57
C GLU A 31 -6.71 -3.86 -9.75
N GLY A 32 -7.96 -4.02 -9.33
CA GLY A 32 -8.67 -5.30 -9.36
C GLY A 32 -8.21 -6.27 -8.27
N HIS A 33 -7.23 -5.87 -7.44
CA HIS A 33 -6.70 -6.68 -6.35
C HIS A 33 -5.96 -5.78 -5.35
N GLN A 34 -5.62 -6.30 -4.17
CA GLN A 34 -4.92 -5.55 -3.12
C GLN A 34 -3.47 -6.02 -2.98
N MET A 35 -2.63 -5.23 -2.31
CA MET A 35 -1.26 -5.57 -1.97
C MET A 35 -1.22 -6.92 -1.24
N LYS A 36 -2.22 -7.17 -0.38
CA LYS A 36 -2.42 -8.43 0.32
C LYS A 36 -2.45 -9.61 -0.67
N ASP A 37 -3.34 -9.50 -1.67
CA ASP A 37 -3.56 -10.48 -2.73
C ASP A 37 -2.29 -10.69 -3.55
N CYS A 38 -1.80 -9.58 -4.09
CA CYS A 38 -0.69 -9.40 -5.02
C CYS A 38 0.51 -10.32 -4.79
N THR A 39 1.22 -10.58 -5.89
CA THR A 39 2.47 -11.32 -5.96
C THR A 39 3.21 -10.93 -7.25
N GLU A 40 3.20 -9.62 -7.55
CA GLU A 40 3.79 -9.02 -8.74
C GLU A 40 5.23 -8.62 -8.39
N ARG A 41 5.39 -7.41 -7.84
CA ARG A 41 6.66 -6.89 -7.34
C ARG A 41 6.52 -6.76 -5.82
N GLN A 42 6.51 -7.91 -5.15
CA GLN A 42 6.37 -8.09 -3.72
C GLN A 42 5.04 -7.54 -3.18
N ALA A 43 4.85 -7.65 -1.86
CA ALA A 43 3.71 -7.10 -1.13
C ALA A 43 4.21 -5.96 -0.24
N ASN A 44 5.03 -6.27 0.77
CA ASN A 44 5.61 -5.27 1.65
C ASN A 44 6.58 -4.38 0.85
N ASN A 1 8.31 -0.64 13.81
CA ASN A 1 9.13 -0.13 12.70
C ASN A 1 8.48 -0.47 11.35
N VAL A 2 8.06 0.56 10.62
CA VAL A 2 7.29 0.45 9.38
C VAL A 2 7.41 1.72 8.54
N LYS A 3 6.90 1.67 7.31
CA LYS A 3 6.78 2.77 6.36
C LYS A 3 5.34 2.74 5.85
N CYS A 4 4.62 3.86 6.01
CA CYS A 4 3.21 3.94 5.68
C CYS A 4 2.98 3.81 4.18
N PHE A 5 2.26 2.77 3.76
CA PHE A 5 1.88 2.56 2.37
C PHE A 5 0.96 3.67 1.85
N ASN A 6 0.26 4.35 2.77
CA ASN A 6 -0.73 5.39 2.52
C ASN A 6 -0.17 6.82 2.51
N CYS A 7 1.14 7.03 2.78
CA CYS A 7 1.75 8.36 2.69
C CYS A 7 3.29 8.32 2.56
N GLY A 8 3.94 7.31 3.14
CA GLY A 8 5.39 7.12 3.13
C GLY A 8 5.97 7.27 4.53
N LYS A 9 5.56 8.32 5.26
CA LYS A 9 6.08 8.66 6.57
C LYS A 9 6.00 7.47 7.51
N GLU A 10 7.12 7.18 8.17
CA GLU A 10 7.32 6.03 9.02
C GLU A 10 6.60 6.20 10.36
N GLY A 11 7.03 5.38 11.33
CA GLY A 11 6.42 5.29 12.64
C GLY A 11 5.14 4.44 12.55
N HIS A 12 4.22 4.86 11.68
CA HIS A 12 2.90 4.29 11.50
C HIS A 12 2.76 3.54 10.16
N THR A 13 1.61 2.88 9.99
CA THR A 13 1.26 2.05 8.84
C THR A 13 0.13 2.72 8.05
N ALA A 14 -0.30 2.11 6.94
CA ALA A 14 -1.45 2.60 6.18
C ALA A 14 -2.66 2.82 7.07
N ARG A 15 -2.93 1.88 7.99
CA ARG A 15 -4.11 1.91 8.83
C ARG A 15 -4.18 3.13 9.75
N ASN A 16 -3.09 3.47 10.45
CA ASN A 16 -3.05 4.66 11.29
C ASN A 16 -3.37 5.93 10.48
N CYS A 17 -2.81 6.01 9.27
CA CYS A 17 -2.88 7.17 8.40
C CYS A 17 -4.31 7.61 8.05
N ARG A 18 -4.60 8.89 8.30
CA ARG A 18 -5.85 9.53 7.93
C ARG A 18 -5.68 10.09 6.52
N ALA A 19 -5.76 9.21 5.52
CA ALA A 19 -5.68 9.56 4.11
C ALA A 19 -6.56 8.61 3.30
N PRO A 20 -7.38 9.11 2.36
CA PRO A 20 -8.28 8.29 1.57
C PRO A 20 -7.46 7.39 0.66
N ARG A 21 -7.80 6.10 0.63
CA ARG A 21 -7.05 5.08 -0.09
C ARG A 21 -7.66 4.70 -1.44
N LYS A 22 -7.03 3.73 -2.10
CA LYS A 22 -7.35 3.27 -3.44
C LYS A 22 -8.38 2.15 -3.42
N LYS A 23 -8.76 1.68 -4.61
CA LYS A 23 -9.64 0.54 -4.79
C LYS A 23 -8.78 -0.73 -4.86
N GLY A 24 -7.80 -0.71 -5.77
CA GLY A 24 -6.94 -1.82 -6.09
C GLY A 24 -5.51 -1.65 -5.59
N CYS A 25 -4.64 -2.52 -6.10
CA CYS A 25 -3.23 -2.67 -5.75
C CYS A 25 -2.54 -1.32 -5.54
N TRP A 26 -2.07 -1.07 -4.31
CA TRP A 26 -1.41 0.17 -3.95
C TRP A 26 -0.14 0.39 -4.76
N LYS A 27 0.80 -0.56 -4.67
CA LYS A 27 2.11 -0.46 -5.28
C LYS A 27 2.04 -0.49 -6.81
N CYS A 28 1.66 -1.63 -7.38
CA CYS A 28 1.59 -1.84 -8.81
C CYS A 28 0.53 -0.95 -9.48
N GLY A 29 -0.62 -0.71 -8.83
CA GLY A 29 -1.64 0.20 -9.32
C GLY A 29 -2.88 -0.54 -9.82
N LYS A 30 -2.67 -1.63 -10.57
CA LYS A 30 -3.74 -2.39 -11.23
C LYS A 30 -4.74 -2.91 -10.21
N GLU A 31 -6.03 -2.78 -10.53
CA GLU A 31 -7.11 -3.24 -9.66
C GLU A 31 -7.50 -4.67 -9.97
N GLY A 32 -8.57 -5.13 -9.29
CA GLY A 32 -9.01 -6.52 -9.36
C GLY A 32 -8.18 -7.40 -8.43
N HIS A 33 -7.17 -6.83 -7.75
CA HIS A 33 -6.32 -7.49 -6.77
C HIS A 33 -5.64 -6.46 -5.88
N GLN A 34 -5.05 -6.87 -4.75
CA GLN A 34 -4.36 -5.99 -3.80
C GLN A 34 -2.84 -6.20 -3.88
N MET A 35 -2.06 -5.29 -3.31
CA MET A 35 -0.61 -5.39 -3.19
C MET A 35 -0.20 -6.72 -2.56
N LYS A 36 -0.99 -7.19 -1.60
CA LYS A 36 -0.85 -8.47 -0.94
C LYS A 36 -0.90 -9.63 -1.94
N ASP A 37 -1.90 -9.60 -2.83
CA ASP A 37 -2.15 -10.60 -3.85
C ASP A 37 -1.08 -10.60 -4.95
N CYS A 38 -0.88 -9.41 -5.50
CA CYS A 38 -0.04 -9.02 -6.63
C CYS A 38 1.20 -9.87 -6.88
N THR A 39 1.55 -9.97 -8.17
CA THR A 39 2.70 -10.66 -8.72
C THR A 39 3.60 -9.71 -9.52
N GLU A 40 3.08 -8.53 -9.90
CA GLU A 40 3.71 -7.53 -10.74
C GLU A 40 4.91 -6.85 -10.06
N ARG A 41 4.71 -5.63 -9.55
CA ARG A 41 5.75 -4.78 -8.97
C ARG A 41 5.87 -5.06 -7.48
N GLN A 42 6.29 -6.28 -7.15
CA GLN A 42 6.43 -6.77 -5.79
C GLN A 42 7.67 -6.18 -5.12
N ALA A 43 8.85 -6.76 -5.39
CA ALA A 43 10.11 -6.40 -4.75
C ALA A 43 10.74 -5.19 -5.46
N ASN A 44 10.05 -4.04 -5.36
CA ASN A 44 10.48 -2.78 -5.96
C ASN A 44 10.11 -1.64 -4.98
N ASN A 1 8.84 -1.83 12.64
CA ASN A 1 8.17 -0.58 12.22
C ASN A 1 7.55 -0.74 10.83
N VAL A 2 6.78 0.26 10.40
CA VAL A 2 6.02 0.26 9.16
C VAL A 2 6.22 1.58 8.40
N LYS A 3 6.06 1.54 7.08
CA LYS A 3 6.09 2.70 6.20
C LYS A 3 4.71 2.82 5.59
N CYS A 4 4.04 3.95 5.82
CA CYS A 4 2.69 4.20 5.36
C CYS A 4 2.62 4.13 3.83
N PHE A 5 1.66 3.37 3.32
CA PHE A 5 1.43 3.14 1.91
C PHE A 5 0.71 4.35 1.29
N ASN A 6 -0.16 4.96 2.11
CA ASN A 6 -0.98 6.12 1.79
C ASN A 6 -0.15 7.40 1.57
N CYS A 7 1.00 7.57 2.26
CA CYS A 7 1.80 8.79 2.19
C CYS A 7 3.31 8.55 2.16
N GLY A 8 3.82 7.52 2.86
CA GLY A 8 5.24 7.22 2.97
C GLY A 8 5.71 7.26 4.42
N LYS A 9 5.38 8.35 5.13
CA LYS A 9 5.83 8.61 6.49
C LYS A 9 5.51 7.42 7.40
N GLU A 10 6.53 6.98 8.15
CA GLU A 10 6.50 5.81 8.99
C GLU A 10 5.69 6.00 10.26
N GLY A 11 5.89 5.07 11.20
CA GLY A 11 5.19 5.00 12.47
C GLY A 11 3.77 4.44 12.34
N HIS A 12 2.98 4.98 11.40
CA HIS A 12 1.57 4.67 11.20
C HIS A 12 1.28 3.91 9.90
N THR A 13 0.08 3.31 9.83
CA THR A 13 -0.46 2.61 8.67
C THR A 13 -1.50 3.48 7.95
N ALA A 14 -1.94 3.04 6.77
CA ALA A 14 -2.84 3.76 5.88
C ALA A 14 -4.12 4.29 6.54
N ARG A 15 -4.69 3.55 7.51
CA ARG A 15 -5.90 3.97 8.21
C ARG A 15 -5.63 5.11 9.17
N ASN A 16 -4.54 5.03 9.95
CA ASN A 16 -4.15 6.07 10.89
C ASN A 16 -3.79 7.34 10.12
N CYS A 17 -3.11 7.19 8.99
CA CYS A 17 -2.72 8.29 8.12
C CYS A 17 -3.93 9.15 7.78
N ARG A 18 -3.88 10.44 8.10
CA ARG A 18 -4.96 11.39 7.83
C ARG A 18 -4.88 11.81 6.35
N ALA A 19 -5.25 10.88 5.46
CA ALA A 19 -5.20 11.04 4.02
C ALA A 19 -6.09 9.95 3.39
N PRO A 20 -6.63 10.16 2.18
CA PRO A 20 -7.37 9.14 1.47
C PRO A 20 -6.38 8.21 0.77
N ARG A 21 -6.55 6.90 0.94
CA ARG A 21 -5.67 5.91 0.34
C ARG A 21 -6.16 5.52 -1.05
N LYS A 22 -5.53 4.53 -1.69
CA LYS A 22 -5.81 4.16 -3.07
C LYS A 22 -6.91 3.11 -3.21
N LYS A 23 -7.18 2.70 -4.45
CA LYS A 23 -8.17 1.70 -4.81
C LYS A 23 -7.50 0.32 -4.79
N GLY A 24 -6.55 0.13 -5.70
CA GLY A 24 -5.88 -1.13 -5.93
C GLY A 24 -4.63 -1.32 -5.09
N CYS A 25 -3.83 -2.32 -5.50
CA CYS A 25 -2.55 -2.68 -4.96
C CYS A 25 -1.66 -1.45 -4.79
N TRP A 26 -1.29 -1.11 -3.56
CA TRP A 26 -0.48 0.07 -3.30
C TRP A 26 0.85 0.04 -4.04
N LYS A 27 1.64 -1.02 -3.83
CA LYS A 27 2.97 -1.15 -4.38
C LYS A 27 2.92 -1.27 -5.91
N CYS A 28 2.44 -2.41 -6.41
CA CYS A 28 2.40 -2.73 -7.82
C CYS A 28 1.46 -1.80 -8.61
N GLY A 29 0.35 -1.35 -8.02
CA GLY A 29 -0.54 -0.37 -8.64
C GLY A 29 -1.86 -1.00 -9.10
N LYS A 30 -1.78 -2.17 -9.75
CA LYS A 30 -2.91 -2.86 -10.36
C LYS A 30 -3.99 -3.19 -9.33
N GLU A 31 -5.25 -2.96 -9.71
CA GLU A 31 -6.39 -3.17 -8.84
C GLU A 31 -6.98 -4.57 -9.01
N GLY A 32 -8.13 -4.80 -8.36
CA GLY A 32 -8.78 -6.10 -8.30
C GLY A 32 -8.04 -7.06 -7.36
N HIS A 33 -7.02 -6.57 -6.64
CA HIS A 33 -6.25 -7.35 -5.68
C HIS A 33 -5.45 -6.41 -4.75
N GLN A 34 -4.93 -6.93 -3.63
CA GLN A 34 -4.25 -6.15 -2.60
C GLN A 34 -2.73 -6.30 -2.68
N MET A 35 -1.99 -5.39 -2.04
CA MET A 35 -0.54 -5.48 -1.95
C MET A 35 -0.10 -6.78 -1.27
N LYS A 36 -0.79 -7.16 -0.20
CA LYS A 36 -0.58 -8.44 0.49
C LYS A 36 -0.70 -9.62 -0.50
N ASP A 37 -1.81 -9.66 -1.25
CA ASP A 37 -2.14 -10.70 -2.22
C ASP A 37 -1.05 -10.87 -3.27
N CYS A 38 -0.78 -9.75 -3.94
CA CYS A 38 0.11 -9.59 -5.08
C CYS A 38 1.52 -10.16 -4.97
N THR A 39 2.00 -10.58 -6.14
CA THR A 39 3.34 -11.07 -6.42
C THR A 39 3.96 -10.33 -7.63
N GLU A 40 3.13 -9.68 -8.47
CA GLU A 40 3.44 -9.01 -9.72
C GLU A 40 4.86 -8.46 -9.80
N ARG A 41 5.07 -7.32 -9.13
CA ARG A 41 6.33 -6.60 -9.05
C ARG A 41 6.84 -6.31 -10.47
N GLN A 42 5.99 -5.63 -11.25
CA GLN A 42 6.25 -5.28 -12.63
C GLN A 42 7.06 -3.99 -12.69
N ALA A 43 8.30 -4.06 -12.19
CA ALA A 43 9.23 -2.94 -12.13
C ALA A 43 9.89 -2.72 -13.49
N ASN A 44 9.09 -2.28 -14.47
CA ASN A 44 9.55 -1.98 -15.82
C ASN A 44 10.29 -0.64 -15.84
#